data_7VC2
#
_entry.id   7VC2
#
_cell.length_a   77.100
_cell.length_b   81.620
_cell.length_c   104.880
_cell.angle_alpha   90.000
_cell.angle_beta   102.680
_cell.angle_gamma   90.000
#
_symmetry.space_group_name_H-M   'P 1 21 1'
#
loop_
_entity.id
_entity.type
_entity.pdbx_description
1 polymer 'Prolyl-tRNA synthetase (ProRS)'
2 non-polymer 4-[(3S)-3-cyano-3-cyclopropyl-2-oxidanylidene-pyrrolidin-1-yl]-N-[[3-fluoranyl-5-(5-methoxypyridin-3-yl)phenyl]methyl]-6-methyl-pyridine-2-carboxamide
3 non-polymer PROLINE
4 non-polymer 1,2-ETHANEDIOL
5 non-polymer 'CHLORIDE ION'
6 water water
#
_entity_poly.entity_id   1
_entity_poly.type   'polypeptide(L)'
_entity_poly.pdbx_seq_one_letter_code
;GAMVTAKKDENFSEWYTQAIVRSEMIEYYDISGCYIMRPWAFHIWEKVQRFFDDEIKKMGVENSYFPMFVSRHKLEKEKD
HVEGFSPEVAWVTHYGDSPLPEKIAIRPTSETIMYPAYAKWIRSHRDLPLKLNQWCSVVRWEFKQPTPFLRTREFLWQEG
HTAHATEEEAWELVLDILELYRRWYEECLAVPVIKGEKSEGEKFAGGKKTTTVEAFIPENGRGIQAATSHLLGTNFAKMF
EIEFEDEEGHKRLVHQTSWGCTTRSLGVMIMTHGDDKGLVIPPRVASVQVVIIPILFKDENTGEILGKCRELKTMLEKAD
IRVRIDDRSNYTPGWKYNHWEVKGVPLRLELGPKDLAKGTARVVRRDTGEAYQISWADLAPKLLELMEGIQRSLFEKAKA
RLHEGIEKISTFDEVMPALNRKHLVLAPWCEDPESEEQIKKETQKLSEIQAIEAGDSEQVMTGAMKTLCIPFDQPPMPEG
TKCFYTGKPAKRWTLWGRSY
;
_entity_poly.pdbx_strand_id   A,B
#
loop_
_chem_comp.id
_chem_comp.type
_chem_comp.name
_chem_comp.formula
1UI non-polymer 4-[(3S)-3-cyano-3-cyclopropyl-2-oxidanylidene-pyrrolidin-1-yl]-N-[[3-fluoranyl-5-(5-methoxypyridin-3-yl)phenyl]methyl]-6-methyl-pyridine-2-carboxamide 'C28 H26 F N5 O3'
CL non-polymer 'CHLORIDE ION' 'Cl -1'
EDO non-polymer 1,2-ETHANEDIOL 'C2 H6 O2'
#
# COMPACT_ATOMS: atom_id res chain seq x y z
N ALA A 2 27.78 12.30 -7.80
CA ALA A 2 28.58 11.09 -8.00
C ALA A 2 28.12 10.33 -9.23
N MET A 3 29.04 9.62 -9.86
CA MET A 3 28.78 8.89 -11.10
C MET A 3 29.26 7.46 -10.97
N VAL A 4 28.69 6.59 -11.81
CA VAL A 4 29.12 5.19 -11.87
C VAL A 4 30.48 5.11 -12.56
N THR A 5 31.38 4.32 -11.99
CA THR A 5 32.71 4.11 -12.58
C THR A 5 33.05 2.66 -12.84
N ALA A 6 32.41 1.71 -12.16
CA ALA A 6 32.53 0.31 -12.51
C ALA A 6 31.88 0.06 -13.87
N LYS A 7 32.50 -0.80 -14.67
CA LYS A 7 31.97 -1.13 -15.98
C LYS A 7 31.08 -2.37 -15.86
N LYS A 8 29.94 -2.32 -16.55
CA LYS A 8 28.95 -3.38 -16.37
C LYS A 8 29.48 -4.74 -16.81
N ASP A 9 30.37 -4.77 -17.80
CA ASP A 9 30.84 -6.03 -18.39
C ASP A 9 32.15 -6.54 -17.80
N GLU A 10 32.61 -5.96 -16.70
CA GLU A 10 33.85 -6.38 -16.05
C GLU A 10 33.63 -6.85 -14.61
N ASN A 11 33.15 -5.99 -13.72
CA ASN A 11 32.85 -6.38 -12.35
C ASN A 11 31.38 -6.09 -12.13
N PHE A 12 30.54 -7.05 -12.56
CA PHE A 12 29.10 -6.85 -12.59
C PHE A 12 28.55 -6.53 -11.21
N SER A 13 28.99 -7.26 -10.19
CA SER A 13 28.52 -7.03 -8.83
C SER A 13 28.82 -5.60 -8.38
N GLU A 14 30.05 -5.15 -8.60
CA GLU A 14 30.40 -3.79 -8.19
C GLU A 14 29.61 -2.78 -9.00
N TRP A 15 29.36 -3.09 -10.28
CA TRP A 15 28.56 -2.19 -11.09
C TRP A 15 27.15 -2.06 -10.55
N TYR A 16 26.55 -3.19 -10.16
CA TYR A 16 25.19 -3.16 -9.65
C TYR A 16 25.12 -2.34 -8.37
N THR A 17 26.02 -2.61 -7.43
CA THR A 17 26.07 -1.84 -6.20
C THR A 17 26.19 -0.34 -6.47
N GLN A 18 27.10 0.04 -7.37
CA GLN A 18 27.26 1.46 -7.68
C GLN A 18 25.98 2.02 -8.30
N ALA A 19 25.31 1.23 -9.14
CA ALA A 19 24.18 1.77 -9.87
C ALA A 19 23.00 2.01 -8.93
N ILE A 20 22.78 1.10 -7.98
CA ILE A 20 21.63 1.30 -7.10
C ILE A 20 21.93 2.33 -6.02
N VAL A 21 23.20 2.48 -5.64
CA VAL A 21 23.52 3.44 -4.60
C VAL A 21 23.57 4.86 -5.15
N ARG A 22 24.27 5.04 -6.27
CA ARG A 22 24.48 6.39 -6.81
C ARG A 22 23.26 6.93 -7.54
N SER A 23 22.31 6.08 -7.92
CA SER A 23 21.04 6.58 -8.40
C SER A 23 20.06 6.89 -7.27
N GLU A 24 20.48 6.72 -6.01
CA GLU A 24 19.67 7.04 -4.85
C GLU A 24 18.46 6.11 -4.75
N MET A 25 18.64 4.85 -5.12
CA MET A 25 17.53 3.90 -5.03
C MET A 25 17.53 3.11 -3.73
N ILE A 26 18.71 2.83 -3.20
CA ILE A 26 18.94 1.91 -2.08
C ILE A 26 19.75 2.67 -1.03
N GLU A 27 19.48 2.40 0.25
CA GLU A 27 20.40 2.78 1.33
C GLU A 27 20.63 1.56 2.21
N TYR A 28 21.86 1.39 2.68
CA TYR A 28 22.19 0.20 3.46
C TYR A 28 21.79 0.38 4.92
N TYR A 29 21.76 -0.76 5.63
CA TYR A 29 21.11 -0.87 6.93
C TYR A 29 21.93 -1.77 7.83
N ASP A 30 21.83 -1.57 9.15
CA ASP A 30 22.64 -2.38 10.05
C ASP A 30 22.20 -3.85 10.13
N ILE A 31 20.97 -4.18 9.68
CA ILE A 31 20.45 -5.54 9.76
C ILE A 31 20.58 -6.20 8.38
N SER A 32 21.49 -7.16 8.27
CA SER A 32 21.89 -7.71 6.98
C SER A 32 20.70 -8.35 6.25
N GLY A 33 20.68 -8.16 4.93
CA GLY A 33 19.60 -8.66 4.11
C GLY A 33 18.39 -7.76 4.01
N CYS A 34 18.37 -6.63 4.73
CA CYS A 34 17.32 -5.61 4.62
C CYS A 34 17.92 -4.31 4.12
N TYR A 35 17.25 -3.69 3.16
CA TYR A 35 17.71 -2.44 2.58
C TYR A 35 16.59 -1.41 2.65
N ILE A 36 16.97 -0.16 2.82
CA ILE A 36 16.03 0.94 2.68
C ILE A 36 15.76 1.15 1.20
N MET A 37 14.51 1.26 0.84
CA MET A 37 14.10 1.55 -0.48
C MET A 37 13.81 3.02 -0.51
N ARG A 38 14.64 3.79 -1.20
CA ARG A 38 14.54 5.24 -1.21
C ARG A 38 13.49 5.66 -2.22
N PRO A 39 13.05 6.91 -2.17
CA PRO A 39 11.98 7.36 -3.07
C PRO A 39 12.21 7.08 -4.53
N TRP A 40 13.44 7.21 -5.04
CA TRP A 40 13.63 7.05 -6.48
C TRP A 40 13.24 5.64 -6.93
N ALA A 41 13.53 4.64 -6.10
CA ALA A 41 13.10 3.28 -6.42
C ALA A 41 11.60 3.10 -6.19
N PHE A 42 11.08 3.72 -5.13
CA PHE A 42 9.67 3.54 -4.80
C PHE A 42 8.76 4.13 -5.88
N HIS A 43 9.21 5.16 -6.60
CA HIS A 43 8.41 5.67 -7.72
C HIS A 43 8.14 4.57 -8.76
N ILE A 44 9.16 3.77 -9.09
CA ILE A 44 8.97 2.72 -10.09
C ILE A 44 8.02 1.67 -9.54
N TRP A 45 8.22 1.32 -8.27
CA TRP A 45 7.33 0.36 -7.63
C TRP A 45 5.88 0.85 -7.70
N GLU A 46 5.64 2.13 -7.45
CA GLU A 46 4.27 2.63 -7.48
C GLU A 46 3.69 2.57 -8.88
N LYS A 47 4.52 2.75 -9.90
CA LYS A 47 4.00 2.66 -11.26
C LYS A 47 3.54 1.24 -11.58
N VAL A 48 4.37 0.24 -11.27
CA VAL A 48 3.97 -1.13 -11.64
C VAL A 48 2.84 -1.59 -10.72
N GLN A 49 2.83 -1.10 -9.48
CA GLN A 49 1.74 -1.44 -8.56
C GLN A 49 0.41 -0.87 -9.07
N ARG A 50 0.42 0.39 -9.52
CA ARG A 50 -0.82 0.96 -10.02
C ARG A 50 -1.31 0.18 -11.25
N PHE A 51 -0.38 -0.18 -12.15
CA PHE A 51 -0.77 -0.98 -13.31
C PHE A 51 -1.42 -2.31 -12.89
N PHE A 52 -0.73 -3.09 -12.06
CA PHE A 52 -1.23 -4.42 -11.73
C PHE A 52 -2.52 -4.36 -10.93
N ASP A 53 -2.61 -3.40 -10.01
CA ASP A 53 -3.81 -3.27 -9.18
C ASP A 53 -5.04 -2.90 -10.03
N ASP A 54 -4.89 -1.92 -10.94
CA ASP A 54 -5.96 -1.58 -11.87
C ASP A 54 -6.42 -2.81 -12.65
N GLU A 55 -5.46 -3.60 -13.15
CA GLU A 55 -5.85 -4.76 -13.98
C GLU A 55 -6.56 -5.83 -13.16
N ILE A 56 -6.11 -6.09 -11.92
CA ILE A 56 -6.83 -7.14 -11.20
C ILE A 56 -8.18 -6.63 -10.72
N LYS A 57 -8.33 -5.33 -10.50
CA LYS A 57 -9.65 -4.79 -10.20
C LYS A 57 -10.59 -5.00 -11.37
N LYS A 58 -10.10 -4.94 -12.62
CA LYS A 58 -11.00 -5.30 -13.73
C LYS A 58 -11.42 -6.77 -13.68
N MET A 59 -10.64 -7.64 -13.06
CA MET A 59 -11.03 -9.03 -12.93
C MET A 59 -11.96 -9.29 -11.75
N GLY A 60 -12.32 -8.28 -10.98
CA GLY A 60 -13.13 -8.51 -9.80
C GLY A 60 -12.35 -8.88 -8.56
N VAL A 61 -11.01 -8.79 -8.56
CA VAL A 61 -10.25 -9.04 -7.34
C VAL A 61 -10.32 -7.82 -6.44
N GLU A 62 -10.59 -8.04 -5.17
CA GLU A 62 -10.63 -6.95 -4.20
C GLU A 62 -9.45 -7.06 -3.24
N ASN A 63 -8.91 -5.89 -2.84
CA ASN A 63 -7.82 -5.81 -1.90
C ASN A 63 -8.34 -5.97 -0.47
N SER A 64 -7.42 -6.33 0.42
CA SER A 64 -7.74 -6.70 1.78
C SER A 64 -6.45 -6.61 2.58
N TYR A 65 -6.53 -6.87 3.88
CA TYR A 65 -5.29 -6.92 4.65
C TYR A 65 -5.44 -7.93 5.78
N PHE A 66 -4.59 -8.95 5.76
CA PHE A 66 -4.55 -10.01 6.76
C PHE A 66 -3.36 -9.80 7.69
N PRO A 67 -3.38 -10.38 8.89
CA PRO A 67 -2.30 -10.11 9.86
C PRO A 67 -0.93 -10.59 9.40
N MET A 68 0.11 -9.92 9.88
CA MET A 68 1.48 -10.32 9.59
C MET A 68 1.95 -11.50 10.44
N PHE A 69 1.23 -11.86 11.51
CA PHE A 69 1.65 -12.95 12.37
C PHE A 69 0.81 -14.19 12.12
N VAL A 70 1.43 -15.36 12.30
CA VAL A 70 0.76 -16.64 12.11
C VAL A 70 1.15 -17.56 13.25
N SER A 71 0.18 -18.32 13.74
CA SER A 71 0.35 -19.24 14.85
C SER A 71 1.10 -20.50 14.41
N ARG A 72 1.71 -21.17 15.39
CA ARG A 72 2.48 -22.38 15.10
C ARG A 72 1.62 -23.47 14.46
N HIS A 73 0.43 -23.71 15.02
CA HIS A 73 -0.42 -24.79 14.49
C HIS A 73 -0.84 -24.51 13.05
N LYS A 74 -1.36 -23.30 12.79
CA LYS A 74 -1.79 -22.99 11.42
C LYS A 74 -0.61 -23.07 10.45
N LEU A 75 0.55 -22.56 10.86
CA LEU A 75 1.70 -22.56 9.96
C LEU A 75 2.16 -23.97 9.63
N GLU A 76 2.12 -24.87 10.61
CA GLU A 76 2.60 -26.23 10.42
C GLU A 76 1.45 -27.24 10.32
N LYS A 77 0.30 -26.82 9.77
CA LYS A 77 -0.88 -27.69 9.67
C LYS A 77 -0.64 -28.91 8.81
N PRO A 87 12.54 -23.33 7.70
CA PRO A 87 13.74 -22.64 8.17
C PRO A 87 13.75 -21.16 7.76
N GLU A 88 12.95 -20.83 6.75
CA GLU A 88 12.86 -19.45 6.29
C GLU A 88 12.16 -18.55 7.30
N VAL A 89 11.39 -19.12 8.25
CA VAL A 89 10.39 -18.38 8.97
C VAL A 89 10.99 -17.76 10.23
N ALA A 90 10.80 -16.46 10.37
CA ALA A 90 11.21 -15.75 11.56
C ALA A 90 10.20 -15.99 12.68
N TRP A 91 10.69 -16.39 13.85
CA TRP A 91 9.85 -16.65 15.01
C TRP A 91 10.05 -15.55 16.04
N VAL A 92 8.96 -14.87 16.39
CA VAL A 92 8.93 -14.05 17.60
C VAL A 92 8.77 -14.98 18.80
N THR A 93 9.81 -15.08 19.65
CA THR A 93 9.80 -15.98 20.80
C THR A 93 9.85 -15.28 22.15
N HIS A 94 10.38 -14.06 22.22
CA HIS A 94 10.44 -13.32 23.47
C HIS A 94 9.86 -11.93 23.28
N TYR A 95 9.36 -11.36 24.37
CA TYR A 95 9.00 -9.94 24.45
C TYR A 95 9.77 -9.35 25.63
N GLY A 96 10.91 -8.74 25.35
CA GLY A 96 11.86 -8.39 26.38
C GLY A 96 12.69 -9.61 26.75
N ASP A 97 12.84 -9.86 28.05
CA ASP A 97 13.53 -11.06 28.50
C ASP A 97 12.61 -12.26 28.64
N SER A 98 11.29 -12.04 28.65
CA SER A 98 10.29 -13.08 28.85
C SER A 98 10.00 -13.83 27.54
N PRO A 99 9.90 -15.16 27.59
CA PRO A 99 9.36 -15.89 26.43
C PRO A 99 7.86 -15.65 26.30
N LEU A 100 7.37 -15.68 25.06
CA LEU A 100 5.93 -15.73 24.84
C LEU A 100 5.41 -17.11 25.27
N PRO A 101 4.17 -17.19 25.75
CA PRO A 101 3.62 -18.52 26.08
C PRO A 101 3.72 -19.49 24.91
N GLU A 102 3.40 -19.02 23.70
CA GLU A 102 3.64 -19.77 22.46
C GLU A 102 4.25 -18.82 21.43
N LYS A 103 5.33 -19.28 20.79
CA LYS A 103 5.98 -18.49 19.75
C LYS A 103 5.04 -18.29 18.56
N ILE A 104 5.21 -17.16 17.87
CA ILE A 104 4.44 -16.88 16.68
C ILE A 104 5.40 -16.42 15.58
N ALA A 105 4.97 -16.59 14.34
CA ALA A 105 5.84 -16.42 13.21
C ALA A 105 5.41 -15.24 12.37
N ILE A 106 6.38 -14.59 11.78
CA ILE A 106 6.11 -13.55 10.79
C ILE A 106 5.82 -14.22 9.46
N ARG A 107 4.85 -13.70 8.74
CA ARG A 107 4.42 -14.33 7.49
C ARG A 107 5.57 -14.45 6.49
N PRO A 108 5.85 -15.64 5.95
CA PRO A 108 6.67 -15.73 4.74
C PRO A 108 5.80 -15.71 3.48
N THR A 109 4.50 -15.96 3.69
CA THR A 109 3.44 -16.08 2.69
C THR A 109 2.19 -16.34 3.50
N SER A 110 1.02 -16.06 2.91
CA SER A 110 -0.20 -15.95 3.70
C SER A 110 -1.24 -17.05 3.47
N GLU A 111 -0.90 -18.16 2.78
CA GLU A 111 -1.88 -19.23 2.60
C GLU A 111 -2.50 -19.66 3.94
N THR A 112 -1.66 -19.93 4.93
CA THR A 112 -2.14 -20.46 6.21
C THR A 112 -2.81 -19.41 7.05
N ILE A 113 -2.65 -18.13 6.68
CA ILE A 113 -3.29 -17.04 7.40
C ILE A 113 -4.68 -16.78 6.86
N MET A 114 -4.82 -16.84 5.52
CA MET A 114 -6.08 -16.53 4.85
C MET A 114 -7.02 -17.72 4.79
N TYR A 115 -6.49 -18.95 4.63
CA TYR A 115 -7.41 -20.02 4.23
C TYR A 115 -8.33 -20.53 5.34
N PRO A 116 -7.99 -20.42 6.63
CA PRO A 116 -9.04 -20.68 7.65
C PRO A 116 -10.24 -19.75 7.52
N ALA A 117 -9.99 -18.48 7.21
CA ALA A 117 -11.09 -17.56 6.95
C ALA A 117 -11.87 -17.95 5.71
N TYR A 118 -11.15 -18.34 4.64
CA TYR A 118 -11.81 -18.85 3.44
C TYR A 118 -12.75 -20.01 3.79
N ALA A 119 -12.25 -20.95 4.61
CA ALA A 119 -13.08 -22.08 5.02
C ALA A 119 -14.34 -21.59 5.71
N LYS A 120 -14.25 -20.48 6.46
CA LYS A 120 -15.45 -19.99 7.14
C LYS A 120 -16.37 -19.17 6.23
N TRP A 121 -15.82 -18.45 5.23
CA TRP A 121 -16.61 -17.56 4.39
C TRP A 121 -17.33 -18.26 3.24
N ILE A 122 -16.91 -19.47 2.88
CA ILE A 122 -17.42 -20.14 1.70
C ILE A 122 -18.33 -21.27 2.16
N ARG A 123 -19.61 -21.19 1.77
CA ARG A 123 -20.61 -22.20 2.13
C ARG A 123 -21.36 -22.72 0.90
N SER A 124 -21.55 -21.87 -0.10
CA SER A 124 -22.40 -22.19 -1.22
C SER A 124 -21.73 -21.79 -2.53
N HIS A 125 -22.19 -22.40 -3.62
CA HIS A 125 -21.71 -21.97 -4.94
C HIS A 125 -21.95 -20.48 -5.18
N ARG A 126 -22.86 -19.87 -4.41
CA ARG A 126 -23.13 -18.44 -4.54
C ARG A 126 -22.03 -17.57 -3.94
N ASP A 127 -21.11 -18.15 -3.18
CA ASP A 127 -19.97 -17.43 -2.64
C ASP A 127 -18.75 -17.49 -3.55
N LEU A 128 -18.86 -18.11 -4.73
CA LEU A 128 -17.69 -18.25 -5.60
C LEU A 128 -17.93 -17.55 -6.93
N PRO A 129 -16.89 -17.00 -7.56
CA PRO A 129 -15.52 -17.13 -7.05
C PRO A 129 -15.22 -16.10 -5.96
N LEU A 130 -14.26 -16.44 -5.10
CA LEU A 130 -13.73 -15.51 -4.11
C LEU A 130 -12.34 -15.09 -4.58
N LYS A 131 -12.12 -13.79 -4.72
CA LYS A 131 -10.90 -13.25 -5.31
C LYS A 131 -10.38 -12.14 -4.42
N LEU A 132 -9.28 -12.40 -3.68
CA LEU A 132 -8.71 -11.35 -2.84
C LEU A 132 -7.24 -11.13 -3.19
N ASN A 133 -6.75 -9.94 -2.86
CA ASN A 133 -5.36 -9.61 -3.03
C ASN A 133 -4.92 -8.81 -1.81
N GLN A 134 -3.63 -8.83 -1.52
CA GLN A 134 -3.11 -7.82 -0.62
C GLN A 134 -1.70 -7.40 -1.02
N TRP A 135 -1.43 -6.11 -0.82
CA TRP A 135 -0.11 -5.52 -0.94
C TRP A 135 0.51 -5.46 0.45
N CYS A 136 1.66 -6.08 0.63
CA CYS A 136 2.25 -6.06 1.96
C CYS A 136 3.72 -6.44 1.84
N SER A 137 4.36 -6.74 2.96
CA SER A 137 5.71 -7.27 2.93
C SER A 137 5.72 -8.62 3.64
N VAL A 138 6.70 -9.43 3.26
CA VAL A 138 6.90 -10.74 3.87
C VAL A 138 8.38 -10.87 4.20
N VAL A 139 8.65 -11.89 5.01
CA VAL A 139 9.95 -12.16 5.61
C VAL A 139 10.33 -13.61 5.33
N ARG A 140 11.44 -13.81 4.65
CA ARG A 140 12.03 -15.13 4.43
C ARG A 140 13.50 -15.01 4.85
N TRP A 141 13.79 -15.50 6.05
CA TRP A 141 15.07 -15.24 6.71
C TRP A 141 16.05 -16.37 6.44
N GLU A 142 16.59 -16.37 5.24
CA GLU A 142 17.65 -17.28 4.86
C GLU A 142 18.98 -16.83 5.46
N PHE A 143 19.91 -17.79 5.59
CA PHE A 143 21.23 -17.52 6.18
C PHE A 143 22.25 -17.01 5.17
N LYS A 144 21.99 -17.16 3.87
CA LYS A 144 22.97 -16.92 2.82
C LYS A 144 23.04 -15.44 2.44
N GLN A 145 23.91 -15.14 1.49
CA GLN A 145 24.23 -13.75 1.18
C GLN A 145 23.09 -13.12 0.40
N PRO A 146 22.58 -11.98 0.83
CA PRO A 146 21.46 -11.33 0.13
C PRO A 146 21.94 -10.51 -1.04
N THR A 147 20.99 -10.19 -1.91
CA THR A 147 21.21 -9.33 -3.08
C THR A 147 20.10 -8.28 -3.10
N PRO A 148 20.43 -6.99 -3.06
CA PRO A 148 19.37 -5.96 -3.02
C PRO A 148 18.40 -6.17 -4.18
N PHE A 149 17.11 -6.00 -3.88
CA PHE A 149 15.97 -6.25 -4.76
C PHE A 149 15.77 -7.72 -5.07
N LEU A 150 16.83 -8.44 -5.45
CA LEU A 150 16.60 -9.76 -6.03
C LEU A 150 16.40 -10.83 -4.98
N ARG A 151 17.17 -10.80 -3.89
CA ARG A 151 17.09 -11.83 -2.88
C ARG A 151 17.31 -11.15 -1.54
N THR A 152 16.20 -10.82 -0.86
CA THR A 152 16.27 -10.08 0.38
C THR A 152 15.45 -10.79 1.45
N ARG A 153 15.77 -10.47 2.70
CA ARG A 153 15.11 -11.12 3.83
C ARG A 153 13.71 -10.57 4.09
N GLU A 154 13.48 -9.29 3.82
CA GLU A 154 12.16 -8.69 3.78
C GLU A 154 11.96 -8.12 2.40
N PHE A 155 10.77 -8.34 1.84
CA PHE A 155 10.48 -7.70 0.56
C PHE A 155 9.00 -7.37 0.46
N LEU A 156 8.70 -6.35 -0.37
CA LEU A 156 7.35 -5.95 -0.70
C LEU A 156 6.80 -6.83 -1.82
N TRP A 157 5.52 -7.16 -1.75
CA TRP A 157 4.90 -7.88 -2.86
C TRP A 157 3.41 -7.62 -2.88
N GLN A 158 2.79 -8.29 -3.79
CA GLN A 158 1.38 -8.50 -3.79
C GLN A 158 1.21 -10.02 -3.83
N GLU A 159 0.27 -10.53 -3.09
CA GLU A 159 -0.16 -11.92 -3.15
C GLU A 159 -1.68 -11.97 -3.34
N GLY A 160 -2.09 -12.63 -4.43
CA GLY A 160 -3.50 -12.83 -4.75
C GLY A 160 -3.87 -14.28 -4.50
N HIS A 161 -5.10 -14.48 -4.02
CA HIS A 161 -5.58 -15.80 -3.59
C HIS A 161 -7.04 -15.95 -3.98
N THR A 162 -7.35 -16.93 -4.85
CA THR A 162 -8.73 -17.09 -5.29
C THR A 162 -9.21 -18.53 -5.10
N ALA A 163 -10.53 -18.65 -5.00
CA ALA A 163 -11.24 -19.93 -4.86
C ALA A 163 -12.38 -19.97 -5.86
N HIS A 164 -12.55 -21.12 -6.53
CA HIS A 164 -13.49 -21.28 -7.63
C HIS A 164 -14.25 -22.60 -7.46
N ALA A 165 -15.41 -22.66 -8.12
CA ALA A 165 -16.20 -23.89 -8.11
C ALA A 165 -15.62 -24.98 -8.99
N THR A 166 -14.81 -24.66 -10.00
CA THR A 166 -14.24 -25.68 -10.87
C THR A 166 -12.75 -25.45 -11.09
N GLU A 167 -12.07 -26.55 -11.46
CA GLU A 167 -10.66 -26.44 -11.78
C GLU A 167 -10.44 -25.61 -13.05
N GLU A 168 -11.30 -25.80 -14.06
CA GLU A 168 -11.10 -25.11 -15.33
C GLU A 168 -11.11 -23.60 -15.14
N GLU A 169 -12.01 -23.11 -14.27
CA GLU A 169 -12.11 -21.70 -13.98
C GLU A 169 -10.86 -21.19 -13.24
N ALA A 170 -10.38 -21.97 -12.27
CA ALA A 170 -9.18 -21.59 -11.56
C ALA A 170 -7.99 -21.50 -12.50
N TRP A 171 -7.86 -22.47 -13.40
CA TRP A 171 -6.72 -22.49 -14.30
C TRP A 171 -6.78 -21.31 -15.26
N GLU A 172 -7.98 -20.96 -15.74
CA GLU A 172 -8.10 -19.75 -16.55
C GLU A 172 -7.57 -18.54 -15.79
N LEU A 173 -7.95 -18.42 -14.51
CA LEU A 173 -7.46 -17.27 -13.73
C LEU A 173 -5.94 -17.31 -13.56
N VAL A 174 -5.38 -18.50 -13.34
CA VAL A 174 -3.92 -18.65 -13.24
C VAL A 174 -3.25 -18.07 -14.48
N LEU A 175 -3.76 -18.45 -15.65
CA LEU A 175 -3.16 -18.00 -16.90
C LEU A 175 -3.38 -16.50 -17.13
N ASP A 176 -4.56 -15.97 -16.75
CA ASP A 176 -4.81 -14.53 -16.89
C ASP A 176 -3.85 -13.72 -16.00
N ILE A 177 -3.63 -14.17 -14.77
CA ILE A 177 -2.66 -13.48 -13.92
C ILE A 177 -1.27 -13.59 -14.51
N LEU A 178 -0.90 -14.77 -15.03
CA LEU A 178 0.43 -14.92 -15.61
C LEU A 178 0.63 -13.95 -16.77
N GLU A 179 -0.40 -13.76 -17.59
CA GLU A 179 -0.34 -12.76 -18.66
C GLU A 179 -0.18 -11.35 -18.09
N LEU A 180 -0.84 -11.04 -16.96
CA LEU A 180 -0.61 -9.75 -16.33
C LEU A 180 0.85 -9.59 -15.91
N TYR A 181 1.48 -10.67 -15.41
CA TYR A 181 2.88 -10.56 -15.04
C TYR A 181 3.76 -10.40 -16.27
N ARG A 182 3.38 -11.02 -17.40
CA ARG A 182 4.13 -10.77 -18.63
C ARG A 182 4.05 -9.29 -18.98
N ARG A 183 2.87 -8.70 -18.85
CA ARG A 183 2.71 -7.27 -19.17
C ARG A 183 3.51 -6.40 -18.19
N TRP A 184 3.41 -6.68 -16.88
CA TRP A 184 4.23 -6.01 -15.88
C TRP A 184 5.71 -5.95 -16.31
N TYR A 185 6.27 -7.08 -16.71
CA TYR A 185 7.68 -7.07 -17.06
C TYR A 185 7.94 -6.47 -18.46
N GLU A 186 7.23 -6.94 -19.48
CA GLU A 186 7.52 -6.60 -20.87
C GLU A 186 6.90 -5.27 -21.30
N GLU A 187 5.65 -5.00 -20.91
CA GLU A 187 5.02 -3.75 -21.32
C GLU A 187 5.42 -2.58 -20.41
N CYS A 188 5.64 -2.83 -19.12
CA CYS A 188 6.01 -1.76 -18.21
C CYS A 188 7.53 -1.60 -18.09
N LEU A 189 8.21 -2.67 -17.68
CA LEU A 189 9.63 -2.58 -17.39
C LEU A 189 10.50 -2.86 -18.61
N ALA A 190 9.91 -3.25 -19.74
CA ALA A 190 10.63 -3.54 -20.96
C ALA A 190 11.61 -4.69 -20.76
N VAL A 191 11.24 -5.65 -19.93
CA VAL A 191 12.06 -6.82 -19.65
C VAL A 191 11.40 -8.04 -20.31
N PRO A 192 12.08 -8.71 -21.24
CA PRO A 192 11.51 -9.94 -21.79
C PRO A 192 11.54 -11.06 -20.77
N VAL A 193 10.50 -11.91 -20.82
CA VAL A 193 10.34 -13.04 -19.91
C VAL A 193 9.79 -14.22 -20.70
N ILE A 194 10.01 -15.41 -20.17
CA ILE A 194 9.54 -16.65 -20.78
C ILE A 194 8.48 -17.27 -19.88
N LYS A 195 7.28 -17.43 -20.40
CA LYS A 195 6.20 -18.16 -19.73
C LYS A 195 6.46 -19.67 -19.78
N GLY A 196 6.18 -20.34 -18.67
CA GLY A 196 6.36 -21.76 -18.62
C GLY A 196 5.78 -22.34 -17.35
N GLU A 197 6.00 -23.62 -17.16
CA GLU A 197 5.55 -24.34 -15.98
C GLU A 197 6.77 -24.90 -15.25
N LYS A 198 6.73 -24.84 -13.92
CA LYS A 198 7.82 -25.37 -13.11
C LYS A 198 7.84 -26.91 -13.15
N SER A 199 9.02 -27.49 -12.95
CA SER A 199 9.12 -28.94 -12.75
C SER A 199 8.40 -29.35 -11.47
N GLU A 200 8.12 -30.65 -11.37
CA GLU A 200 7.49 -31.17 -10.15
C GLU A 200 8.28 -30.81 -8.90
N GLY A 201 9.62 -30.78 -8.98
CA GLY A 201 10.42 -30.45 -7.83
C GLY A 201 10.55 -28.96 -7.54
N GLU A 202 10.35 -28.12 -8.54
CA GLU A 202 10.42 -26.69 -8.33
C GLU A 202 9.05 -26.07 -8.04
N LYS A 203 8.01 -26.88 -8.12
CA LYS A 203 6.62 -26.50 -7.85
C LYS A 203 6.45 -25.89 -6.45
N PHE A 204 5.45 -25.01 -6.30
CA PHE A 204 5.02 -24.57 -4.98
C PHE A 204 4.62 -25.76 -4.12
N ALA A 205 5.16 -25.82 -2.89
CA ALA A 205 4.89 -26.94 -2.01
C ALA A 205 3.42 -26.99 -1.64
N GLY A 206 2.80 -28.16 -1.83
CA GLY A 206 1.39 -28.32 -1.62
C GLY A 206 0.53 -28.07 -2.84
N GLY A 207 1.03 -27.30 -3.80
CA GLY A 207 0.23 -26.96 -4.95
C GLY A 207 0.15 -28.06 -5.97
N LYS A 208 -0.73 -27.85 -6.95
CA LYS A 208 -0.88 -28.80 -8.04
C LYS A 208 0.02 -28.45 -9.22
N LYS A 209 0.00 -27.20 -9.68
CA LYS A 209 0.80 -26.83 -10.83
C LYS A 209 1.22 -25.38 -10.70
N THR A 210 2.50 -25.13 -10.91
CA THR A 210 3.03 -23.78 -10.81
C THR A 210 3.43 -23.27 -12.19
N THR A 211 2.93 -22.10 -12.55
CA THR A 211 3.37 -21.43 -13.76
C THR A 211 4.23 -20.24 -13.37
N THR A 212 5.08 -19.82 -14.32
CA THR A 212 6.09 -18.82 -14.01
C THR A 212 6.42 -18.02 -15.26
N VAL A 213 6.92 -16.80 -15.05
CA VAL A 213 7.68 -16.06 -16.05
C VAL A 213 9.13 -16.00 -15.56
N GLU A 214 10.05 -16.37 -16.44
CA GLU A 214 11.47 -16.42 -16.10
C GLU A 214 12.22 -15.35 -16.89
N ALA A 215 13.15 -14.66 -16.23
CA ALA A 215 14.04 -13.69 -16.86
C ALA A 215 15.47 -14.22 -16.82
N PHE A 216 16.35 -13.52 -17.53
CA PHE A 216 17.72 -13.95 -17.71
C PHE A 216 18.65 -12.76 -17.50
N ILE A 217 19.72 -12.97 -16.74
CA ILE A 217 20.74 -11.94 -16.50
C ILE A 217 21.99 -12.35 -17.25
N PRO A 218 22.27 -11.69 -18.37
CA PRO A 218 23.34 -12.15 -19.27
C PRO A 218 24.73 -12.04 -18.65
N GLU A 219 24.99 -10.97 -17.89
CA GLU A 219 26.35 -10.71 -17.43
C GLU A 219 26.85 -11.79 -16.50
N ASN A 220 25.96 -12.48 -15.81
CA ASN A 220 26.40 -13.59 -14.97
C ASN A 220 25.77 -14.92 -15.39
N GLY A 221 25.00 -14.92 -16.47
CA GLY A 221 24.47 -16.14 -17.02
C GLY A 221 23.31 -16.77 -16.25
N ARG A 222 22.64 -16.02 -15.38
CA ARG A 222 21.72 -16.67 -14.44
C ARG A 222 20.26 -16.39 -14.80
N GLY A 223 19.45 -17.42 -14.82
CA GLY A 223 18.02 -17.20 -14.87
C GLY A 223 17.49 -16.79 -13.50
N ILE A 224 16.30 -16.19 -13.51
CA ILE A 224 15.67 -15.78 -12.25
C ILE A 224 14.16 -15.76 -12.45
N GLN A 225 13.44 -16.28 -11.47
CA GLN A 225 11.98 -16.25 -11.55
C GLN A 225 11.50 -14.81 -11.36
N ALA A 226 10.75 -14.30 -12.33
CA ALA A 226 10.28 -12.92 -12.27
C ALA A 226 8.98 -12.80 -11.47
N ALA A 227 8.09 -13.79 -11.61
CA ALA A 227 6.78 -13.83 -10.96
C ALA A 227 6.24 -15.25 -11.09
N THR A 228 5.17 -15.54 -10.34
CA THR A 228 4.70 -16.91 -10.22
C THR A 228 3.18 -16.92 -10.01
N SER A 229 2.52 -17.92 -10.59
CA SER A 229 1.07 -18.04 -10.49
C SER A 229 0.74 -19.53 -10.37
N HIS A 230 0.18 -19.94 -9.24
CA HIS A 230 0.02 -21.33 -8.87
C HIS A 230 -1.42 -21.79 -9.04
N LEU A 231 -1.60 -22.92 -9.71
CA LEU A 231 -2.81 -23.71 -9.52
C LEU A 231 -2.61 -24.53 -8.26
N LEU A 232 -3.24 -24.11 -7.16
CA LEU A 232 -3.23 -24.93 -5.96
C LEU A 232 -4.17 -26.12 -6.09
N GLY A 233 -5.20 -26.02 -6.94
CA GLY A 233 -6.11 -27.16 -7.06
C GLY A 233 -7.01 -27.28 -5.84
N THR A 234 -7.29 -28.53 -5.42
CA THR A 234 -8.05 -28.81 -4.21
C THR A 234 -7.17 -29.17 -3.01
N ASN A 235 -5.85 -29.13 -3.16
CA ASN A 235 -4.98 -29.64 -2.09
C ASN A 235 -5.14 -28.83 -0.81
N PHE A 236 -5.02 -27.50 -0.91
CA PHE A 236 -5.18 -26.66 0.27
C PHE A 236 -6.63 -26.65 0.75
N ALA A 237 -7.58 -26.76 -0.17
CA ALA A 237 -8.97 -26.88 0.23
C ALA A 237 -9.17 -28.13 1.09
N LYS A 238 -8.45 -29.21 0.78
CA LYS A 238 -8.52 -30.40 1.62
C LYS A 238 -7.94 -30.11 2.99
N MET A 239 -6.73 -29.56 3.04
CA MET A 239 -6.15 -29.42 4.37
C MET A 239 -6.84 -28.36 5.21
N PHE A 240 -7.54 -27.40 4.59
CA PHE A 240 -8.23 -26.37 5.37
C PHE A 240 -9.73 -26.54 5.37
N GLU A 241 -10.25 -27.58 4.70
CA GLU A 241 -11.68 -27.88 4.66
C GLU A 241 -12.47 -26.71 4.05
N ILE A 242 -12.01 -26.23 2.89
CA ILE A 242 -12.73 -25.16 2.20
C ILE A 242 -13.69 -25.83 1.22
N GLU A 243 -14.98 -25.83 1.56
CA GLU A 243 -15.98 -26.58 0.80
C GLU A 243 -17.22 -25.73 0.54
N PHE A 244 -17.92 -26.07 -0.54
CA PHE A 244 -19.14 -25.38 -0.92
C PHE A 244 -20.19 -26.39 -1.35
N GLU A 245 -21.45 -26.02 -1.16
CA GLU A 245 -22.55 -26.83 -1.63
C GLU A 245 -22.88 -26.44 -3.06
N ASP A 246 -22.89 -27.41 -3.98
CA ASP A 246 -23.26 -27.08 -5.35
C ASP A 246 -24.78 -26.99 -5.44
N GLU A 247 -25.32 -26.91 -6.66
CA GLU A 247 -26.76 -26.65 -6.82
C GLU A 247 -27.64 -27.82 -6.40
N GLU A 248 -27.10 -29.04 -6.35
CA GLU A 248 -27.89 -30.18 -5.92
C GLU A 248 -27.48 -30.67 -4.53
N GLY A 249 -26.89 -29.79 -3.73
CA GLY A 249 -26.69 -30.07 -2.32
C GLY A 249 -25.50 -30.93 -1.98
N HIS A 250 -24.62 -31.23 -2.94
CA HIS A 250 -23.41 -31.99 -2.66
C HIS A 250 -22.28 -31.05 -2.30
N LYS A 251 -21.57 -31.38 -1.22
CA LYS A 251 -20.38 -30.63 -0.85
C LYS A 251 -19.25 -30.95 -1.80
N ARG A 252 -18.52 -29.92 -2.19
CA ARG A 252 -17.37 -30.05 -3.09
C ARG A 252 -16.24 -29.21 -2.51
N LEU A 253 -15.02 -29.62 -2.79
CA LEU A 253 -13.87 -28.79 -2.46
C LEU A 253 -13.74 -27.66 -3.48
N VAL A 254 -13.26 -26.51 -3.01
CA VAL A 254 -12.96 -25.43 -3.95
C VAL A 254 -11.65 -25.72 -4.69
N HIS A 255 -11.46 -25.00 -5.78
CA HIS A 255 -10.24 -25.02 -6.58
C HIS A 255 -9.55 -23.67 -6.46
N GLN A 256 -8.28 -23.67 -6.09
CA GLN A 256 -7.65 -22.45 -5.62
C GLN A 256 -6.41 -22.09 -6.45
N THR A 257 -6.15 -20.79 -6.48
CA THR A 257 -4.95 -20.20 -7.05
C THR A 257 -4.31 -19.29 -6.02
N SER A 258 -3.00 -19.10 -6.16
CA SER A 258 -2.29 -18.01 -5.49
C SER A 258 -1.16 -17.54 -6.38
N TRP A 259 -0.82 -16.27 -6.25
CA TRP A 259 0.08 -15.68 -7.23
C TRP A 259 0.74 -14.45 -6.63
N GLY A 260 2.03 -14.29 -6.92
CA GLY A 260 2.80 -13.24 -6.27
C GLY A 260 3.80 -12.59 -7.20
N CYS A 261 4.07 -11.32 -6.91
CA CYS A 261 5.13 -10.61 -7.64
C CYS A 261 5.71 -9.56 -6.71
N THR A 262 7.04 -9.35 -6.79
CA THR A 262 7.78 -8.62 -5.74
C THR A 262 8.61 -7.47 -6.30
N THR A 263 9.29 -6.75 -5.39
CA THR A 263 10.24 -5.72 -5.77
C THR A 263 11.48 -6.29 -6.45
N ARG A 264 11.63 -7.61 -6.51
CA ARG A 264 12.65 -8.20 -7.37
C ARG A 264 12.55 -7.65 -8.80
N SER A 265 11.33 -7.36 -9.26
CA SER A 265 11.16 -6.84 -10.61
C SER A 265 12.00 -5.58 -10.82
N LEU A 266 12.12 -4.72 -9.80
CA LEU A 266 12.96 -3.52 -9.96
C LEU A 266 14.42 -3.91 -10.19
N GLY A 267 14.93 -4.85 -9.41
CA GLY A 267 16.28 -5.35 -9.64
C GLY A 267 16.47 -5.83 -11.08
N VAL A 268 15.49 -6.59 -11.58
CA VAL A 268 15.65 -7.15 -12.91
C VAL A 268 15.69 -6.03 -13.94
N MET A 269 14.86 -5.04 -13.79
CA MET A 269 14.87 -3.90 -14.66
C MET A 269 16.22 -3.19 -14.66
N ILE A 270 16.78 -2.97 -13.48
CA ILE A 270 18.04 -2.33 -13.33
C ILE A 270 19.11 -3.07 -14.06
N MET A 271 19.19 -4.35 -13.84
CA MET A 271 20.15 -5.17 -14.46
C MET A 271 19.98 -5.24 -15.96
N THR A 272 18.79 -5.22 -16.46
CA THR A 272 18.54 -5.28 -17.84
C THR A 272 18.91 -4.06 -18.65
N HIS A 273 18.53 -2.90 -18.23
CA HIS A 273 18.72 -1.70 -19.03
C HIS A 273 19.87 -0.82 -18.56
N GLY A 274 20.39 -1.01 -17.35
CA GLY A 274 21.49 -0.20 -16.88
C GLY A 274 22.72 -0.29 -17.78
N ASP A 275 23.53 0.78 -17.76
CA ASP A 275 24.72 0.85 -18.58
C ASP A 275 25.84 1.45 -17.74
N ASP A 276 26.97 1.73 -18.39
CA ASP A 276 28.14 2.22 -17.66
C ASP A 276 27.89 3.56 -16.98
N LYS A 277 26.90 4.32 -17.45
CA LYS A 277 26.58 5.57 -16.77
C LYS A 277 25.55 5.38 -15.67
N GLY A 278 25.08 4.16 -15.46
CA GLY A 278 24.10 3.91 -14.41
C GLY A 278 22.73 3.49 -14.92
N LEU A 279 21.69 3.94 -14.22
CA LEU A 279 20.32 3.53 -14.46
C LEU A 279 19.81 4.02 -15.80
N VAL A 280 18.95 3.21 -16.41
CA VAL A 280 18.12 3.62 -17.55
C VAL A 280 16.68 3.17 -17.27
N ILE A 281 15.79 4.12 -17.06
CA ILE A 281 14.40 3.83 -16.70
C ILE A 281 13.53 3.86 -17.94
N PRO A 282 12.84 2.77 -18.28
CA PRO A 282 11.86 2.81 -19.39
C PRO A 282 10.83 3.90 -19.17
N PRO A 283 10.49 4.66 -20.20
CA PRO A 283 9.53 5.76 -20.03
C PRO A 283 8.22 5.39 -19.34
N ARG A 284 7.69 4.18 -19.57
CA ARG A 284 6.39 3.83 -19.00
C ARG A 284 6.42 3.77 -17.48
N VAL A 285 7.56 3.57 -16.85
CA VAL A 285 7.58 3.55 -15.39
C VAL A 285 8.40 4.69 -14.80
N ALA A 286 8.75 5.70 -15.60
CA ALA A 286 9.55 6.82 -15.12
C ALA A 286 8.66 7.89 -14.50
N SER A 287 8.86 8.20 -13.22
CA SER A 287 8.06 9.27 -12.62
C SER A 287 8.45 10.62 -13.19
N VAL A 288 9.72 10.78 -13.58
CA VAL A 288 10.19 11.91 -14.37
C VAL A 288 10.56 11.35 -15.75
N GLN A 289 9.72 11.63 -16.75
CA GLN A 289 10.05 11.22 -18.11
C GLN A 289 10.96 12.24 -18.78
N VAL A 290 10.73 13.52 -18.51
CA VAL A 290 11.50 14.62 -19.08
C VAL A 290 11.92 15.52 -17.94
N VAL A 291 13.22 15.72 -17.79
CA VAL A 291 13.74 16.71 -16.86
C VAL A 291 14.15 17.93 -17.67
N ILE A 292 13.66 19.10 -17.29
CA ILE A 292 14.03 20.34 -17.97
C ILE A 292 15.10 21.02 -17.15
N ILE A 293 16.22 21.33 -17.79
CA ILE A 293 17.34 21.96 -17.12
C ILE A 293 17.54 23.34 -17.72
N PRO A 294 17.22 24.41 -16.99
CA PRO A 294 17.49 25.76 -17.51
C PRO A 294 18.96 26.08 -17.37
N ILE A 295 19.54 26.64 -18.43
CA ILE A 295 20.97 26.96 -18.47
C ILE A 295 21.12 28.42 -18.07
N LEU A 296 21.47 28.64 -16.81
CA LEU A 296 21.71 30.00 -16.30
C LEU A 296 23.21 30.20 -16.11
N PHE A 297 23.78 31.13 -16.88
CA PHE A 297 25.19 31.50 -16.78
C PHE A 297 25.26 33.02 -16.83
N LYS A 298 25.99 33.61 -15.89
CA LYS A 298 26.13 35.05 -15.66
C LYS A 298 24.92 35.90 -16.04
N ASP A 299 23.74 35.51 -15.56
CA ASP A 299 22.50 36.26 -15.80
C ASP A 299 22.30 36.54 -17.28
N GLU A 300 22.50 35.53 -18.11
CA GLU A 300 22.10 35.64 -19.51
C GLU A 300 20.62 35.25 -19.59
N ASN A 301 19.75 36.26 -19.39
CA ASN A 301 18.30 36.14 -19.58
C ASN A 301 17.65 35.19 -18.57
N THR A 302 17.99 35.35 -17.30
CA THR A 302 17.58 34.38 -16.27
C THR A 302 16.06 34.22 -16.21
N GLY A 303 15.34 35.33 -15.95
CA GLY A 303 13.90 35.23 -15.70
C GLY A 303 13.13 34.71 -16.89
N GLU A 304 13.53 35.13 -18.10
CA GLU A 304 12.86 34.67 -19.31
C GLU A 304 13.06 33.18 -19.54
N ILE A 305 14.27 32.67 -19.31
CA ILE A 305 14.52 31.25 -19.48
C ILE A 305 13.66 30.44 -18.50
N LEU A 306 13.64 30.85 -17.23
CA LEU A 306 12.83 30.14 -16.26
C LEU A 306 11.35 30.14 -16.67
N GLY A 307 10.84 31.31 -17.10
CA GLY A 307 9.46 31.38 -17.54
C GLY A 307 9.16 30.47 -18.72
N LYS A 308 10.05 30.45 -19.72
CA LYS A 308 9.82 29.57 -20.87
C LYS A 308 9.82 28.09 -20.45
N CYS A 309 10.68 27.73 -19.49
CA CYS A 309 10.69 26.38 -18.96
C CYS A 309 9.33 26.01 -18.36
N ARG A 310 8.74 26.94 -17.60
CA ARG A 310 7.43 26.67 -16.99
C ARG A 310 6.32 26.54 -18.04
N GLU A 311 6.37 27.39 -19.08
CA GLU A 311 5.42 27.24 -20.19
C GLU A 311 5.56 25.88 -20.86
N LEU A 312 6.80 25.45 -21.09
CA LEU A 312 7.01 24.18 -21.78
C LEU A 312 6.53 23.01 -20.93
N LYS A 313 6.71 23.12 -19.61
CA LYS A 313 6.19 22.10 -18.72
C LYS A 313 4.67 22.00 -18.83
N THR A 314 3.98 23.14 -18.80
CA THR A 314 2.52 23.13 -18.93
C THR A 314 2.08 22.49 -20.24
N MET A 315 2.70 22.91 -21.33
CA MET A 315 2.37 22.33 -22.64
C MET A 315 2.56 20.82 -22.64
N LEU A 316 3.71 20.34 -22.14
CA LEU A 316 3.97 18.91 -22.16
C LEU A 316 3.03 18.15 -21.24
N GLU A 317 2.64 18.74 -20.14
CA GLU A 317 1.74 18.11 -19.21
C GLU A 317 0.37 17.88 -19.78
N LYS A 318 0.00 18.67 -20.75
CA LYS A 318 -1.25 18.47 -21.40
C LYS A 318 -1.29 17.27 -22.33
N ALA A 319 -0.15 16.75 -22.73
CA ALA A 319 -0.03 15.54 -23.47
C ALA A 319 0.29 14.38 -22.54
N ASP A 320 0.13 14.58 -21.25
CA ASP A 320 0.38 13.63 -20.18
C ASP A 320 1.79 13.21 -20.05
N ILE A 321 2.70 14.05 -20.45
CA ILE A 321 4.11 13.79 -20.22
C ILE A 321 4.46 14.21 -18.81
N ARG A 322 5.25 13.40 -18.11
CA ARG A 322 5.60 13.66 -16.72
C ARG A 322 6.92 14.45 -16.67
N VAL A 323 6.81 15.72 -16.29
CA VAL A 323 7.88 16.69 -16.44
C VAL A 323 8.35 17.19 -15.09
N ARG A 324 9.63 17.33 -14.93
CA ARG A 324 10.18 18.06 -13.85
C ARG A 324 11.17 19.17 -14.30
N ILE A 325 11.02 20.38 -13.82
CA ILE A 325 12.01 21.43 -14.04
C ILE A 325 13.01 21.37 -12.90
N ASP A 326 14.30 21.15 -13.21
CA ASP A 326 15.34 21.22 -12.18
C ASP A 326 15.91 22.63 -12.15
N ASP A 327 15.14 23.53 -11.55
CA ASP A 327 15.56 24.92 -11.40
C ASP A 327 16.29 25.14 -10.08
N ARG A 328 16.77 24.07 -9.44
CA ARG A 328 17.46 24.19 -8.16
C ARG A 328 18.68 25.10 -8.32
N SER A 329 18.82 26.05 -7.42
CA SER A 329 19.88 27.05 -7.55
C SER A 329 21.25 26.41 -7.32
N ASN A 330 21.42 25.76 -6.18
CA ASN A 330 22.77 25.46 -5.72
C ASN A 330 23.50 24.36 -6.51
N TYR A 331 23.09 24.13 -7.77
CA TYR A 331 23.80 23.18 -8.62
C TYR A 331 24.01 23.77 -10.00
N THR A 332 25.12 23.38 -10.61
CA THR A 332 25.44 23.77 -11.98
C THR A 332 24.61 22.96 -12.97
N PRO A 333 24.51 23.43 -14.22
CA PRO A 333 23.88 22.58 -15.24
C PRO A 333 24.63 21.27 -15.47
N GLY A 334 25.97 21.28 -15.48
CA GLY A 334 26.71 20.04 -15.70
C GLY A 334 26.45 19.00 -14.62
N TRP A 335 26.41 19.45 -13.36
CA TRP A 335 26.03 18.55 -12.28
C TRP A 335 24.65 17.97 -12.51
N LYS A 336 23.69 18.81 -12.95
CA LYS A 336 22.34 18.34 -13.19
C LYS A 336 22.31 17.29 -14.29
N TYR A 337 23.12 17.48 -15.34
CA TYR A 337 23.23 16.45 -16.37
C TYR A 337 23.65 15.13 -15.76
N ASN A 338 24.74 15.13 -15.00
CA ASN A 338 25.24 13.88 -14.43
C ASN A 338 24.23 13.26 -13.49
N HIS A 339 23.60 14.10 -12.66
CA HIS A 339 22.63 13.65 -11.67
C HIS A 339 21.46 12.93 -12.34
N TRP A 340 20.84 13.57 -13.33
CA TRP A 340 19.66 12.95 -13.91
C TRP A 340 20.04 11.82 -14.84
N GLU A 341 21.30 11.79 -15.31
CA GLU A 341 21.77 10.65 -16.09
C GLU A 341 21.91 9.40 -15.22
N VAL A 342 22.63 9.52 -14.10
CA VAL A 342 22.85 8.35 -13.25
C VAL A 342 21.51 7.85 -12.73
N LYS A 343 20.53 8.74 -12.59
CA LYS A 343 19.20 8.33 -12.18
C LYS A 343 18.36 7.75 -13.31
N GLY A 344 18.82 7.85 -14.56
CA GLY A 344 18.15 7.19 -15.67
C GLY A 344 16.90 7.85 -16.23
N VAL A 345 16.70 9.15 -15.98
CA VAL A 345 15.59 9.89 -16.59
C VAL A 345 15.67 9.68 -18.09
N PRO A 346 14.59 9.27 -18.76
CA PRO A 346 14.70 8.94 -20.19
C PRO A 346 15.05 10.11 -21.09
N LEU A 347 14.58 11.33 -20.81
CA LEU A 347 14.84 12.46 -21.69
C LEU A 347 15.27 13.68 -20.90
N ARG A 348 16.31 14.34 -21.38
CA ARG A 348 16.79 15.58 -20.80
C ARG A 348 16.54 16.71 -21.79
N LEU A 349 15.85 17.75 -21.34
CA LEU A 349 15.62 18.93 -22.17
C LEU A 349 16.42 20.11 -21.63
N GLU A 350 17.24 20.70 -22.48
CA GLU A 350 18.07 21.85 -22.17
C GLU A 350 17.54 23.08 -22.89
N LEU A 351 17.42 24.18 -22.14
CA LEU A 351 16.95 25.47 -22.64
C LEU A 351 17.87 26.58 -22.13
N GLY A 352 18.54 27.26 -23.07
CA GLY A 352 19.41 28.37 -22.77
C GLY A 352 19.12 29.55 -23.68
N PRO A 353 19.95 30.60 -23.60
CA PRO A 353 19.69 31.81 -24.43
C PRO A 353 19.58 31.50 -25.91
N LYS A 354 20.50 30.70 -26.45
CA LYS A 354 20.44 30.31 -27.86
C LYS A 354 19.11 29.68 -28.19
N ASP A 355 18.73 28.64 -27.43
CA ASP A 355 17.45 27.97 -27.62
C ASP A 355 16.29 28.95 -27.47
N LEU A 356 16.40 29.88 -26.51
CA LEU A 356 15.33 30.85 -26.33
C LEU A 356 15.11 31.64 -27.61
N ALA A 357 16.19 32.12 -28.22
CA ALA A 357 16.08 32.94 -29.42
C ALA A 357 15.56 32.14 -30.60
N LYS A 358 16.09 30.93 -30.79
CA LYS A 358 15.69 30.15 -31.96
C LYS A 358 14.30 29.55 -31.83
N GLY A 359 13.67 29.63 -30.66
CA GLY A 359 12.37 29.01 -30.47
C GLY A 359 12.43 27.49 -30.45
N THR A 360 13.52 26.92 -29.95
CA THR A 360 13.75 25.49 -29.95
C THR A 360 14.24 25.06 -28.58
N ALA A 361 14.40 23.74 -28.42
CA ALA A 361 14.99 23.14 -27.24
C ALA A 361 15.89 22.00 -27.68
N ARG A 362 16.89 21.67 -26.85
CA ARG A 362 17.79 20.57 -27.15
C ARG A 362 17.42 19.38 -26.24
N VAL A 363 17.16 18.23 -26.84
CA VAL A 363 16.67 17.06 -26.11
C VAL A 363 17.65 15.92 -26.31
N VAL A 364 18.08 15.30 -25.20
CA VAL A 364 19.03 14.19 -25.23
C VAL A 364 18.33 12.97 -24.63
N ARG A 365 18.34 11.86 -25.37
CA ARG A 365 17.70 10.64 -24.87
C ARG A 365 18.73 9.80 -24.12
N ARG A 366 18.30 9.29 -22.96
CA ARG A 366 19.23 8.64 -22.04
C ARG A 366 19.81 7.35 -22.63
N ASP A 367 19.00 6.57 -23.37
CA ASP A 367 19.41 5.22 -23.75
C ASP A 367 20.58 5.21 -24.74
N THR A 368 20.60 6.14 -25.71
CA THR A 368 21.65 6.20 -26.72
C THR A 368 22.53 7.43 -26.66
N GLY A 369 22.09 8.50 -26.00
CA GLY A 369 22.81 9.76 -26.04
C GLY A 369 22.51 10.64 -27.24
N GLU A 370 21.62 10.22 -28.14
CA GLU A 370 21.35 10.99 -29.34
C GLU A 370 20.65 12.30 -28.99
N ALA A 371 21.15 13.40 -29.55
CA ALA A 371 20.60 14.73 -29.32
C ALA A 371 19.72 15.17 -30.49
N TYR A 372 18.71 15.95 -30.16
CA TYR A 372 17.75 16.46 -31.14
C TYR A 372 17.51 17.94 -30.87
N GLN A 373 17.28 18.69 -31.94
CA GLN A 373 16.86 20.08 -31.85
C GLN A 373 15.39 20.16 -32.27
N ILE A 374 14.53 20.58 -31.36
CA ILE A 374 13.09 20.49 -31.58
C ILE A 374 12.46 21.85 -31.37
N SER A 375 11.64 22.28 -32.33
CA SER A 375 10.84 23.48 -32.16
C SER A 375 9.81 23.28 -31.04
N TRP A 376 9.44 24.38 -30.40
CA TRP A 376 8.53 24.33 -29.26
C TRP A 376 7.16 23.78 -29.65
N ALA A 377 6.64 24.19 -30.80
CA ALA A 377 5.34 23.70 -31.26
C ALA A 377 5.36 22.20 -31.50
N ASP A 378 6.54 21.62 -31.76
CA ASP A 378 6.67 20.21 -32.05
C ASP A 378 7.01 19.38 -30.83
N LEU A 379 7.28 20.01 -29.69
CA LEU A 379 7.86 19.28 -28.56
C LEU A 379 7.02 18.08 -28.16
N ALA A 380 5.70 18.28 -27.97
CA ALA A 380 4.87 17.22 -27.39
C ALA A 380 4.77 16.00 -28.29
N PRO A 381 4.36 16.10 -29.56
CA PRO A 381 4.31 14.89 -30.39
C PRO A 381 5.67 14.24 -30.57
N LYS A 382 6.73 15.04 -30.67
CA LYS A 382 8.06 14.48 -30.90
C LYS A 382 8.55 13.74 -29.67
N LEU A 383 8.29 14.25 -28.48
CA LEU A 383 8.75 13.54 -27.28
C LEU A 383 7.89 12.32 -27.01
N LEU A 384 6.59 12.37 -27.32
CA LEU A 384 5.80 11.16 -27.24
C LEU A 384 6.36 10.08 -28.16
N GLU A 385 6.76 10.49 -29.37
CA GLU A 385 7.36 9.54 -30.30
C GLU A 385 8.69 8.99 -29.76
N LEU A 386 9.56 9.88 -29.28
CA LEU A 386 10.86 9.42 -28.78
C LEU A 386 10.69 8.49 -27.60
N MET A 387 9.69 8.73 -26.75
CA MET A 387 9.49 7.89 -25.58
C MET A 387 8.98 6.53 -25.98
N GLU A 388 8.06 6.47 -26.95
CA GLU A 388 7.66 5.18 -27.48
C GLU A 388 8.85 4.45 -28.06
N GLY A 389 9.72 5.19 -28.76
CA GLY A 389 10.88 4.57 -29.37
C GLY A 389 11.89 4.05 -28.35
N ILE A 390 12.09 4.81 -27.27
CA ILE A 390 13.01 4.39 -26.23
C ILE A 390 12.50 3.13 -25.55
N GLN A 391 11.21 3.14 -25.16
CA GLN A 391 10.58 1.96 -24.55
C GLN A 391 10.74 0.73 -25.43
N ARG A 392 10.37 0.86 -26.72
CA ARG A 392 10.42 -0.28 -27.62
C ARG A 392 11.86 -0.73 -27.85
N SER A 393 12.80 0.20 -27.87
CA SER A 393 14.19 -0.14 -28.13
C SER A 393 14.83 -0.85 -26.95
N LEU A 394 14.56 -0.35 -25.72
CA LEU A 394 15.00 -1.08 -24.54
C LEU A 394 14.51 -2.52 -24.60
N PHE A 395 13.20 -2.70 -24.87
CA PHE A 395 12.66 -4.06 -24.89
C PHE A 395 13.35 -4.90 -25.94
N GLU A 396 13.49 -4.38 -27.16
CA GLU A 396 13.97 -5.21 -28.25
C GLU A 396 15.45 -5.58 -28.07
N LYS A 397 16.26 -4.65 -27.57
CA LYS A 397 17.65 -5.00 -27.32
C LYS A 397 17.77 -6.09 -26.24
N ALA A 398 16.96 -5.98 -25.18
CA ALA A 398 17.01 -7.03 -24.16
C ALA A 398 16.48 -8.36 -24.70
N LYS A 399 15.47 -8.32 -25.54
CA LYS A 399 14.97 -9.57 -26.12
C LYS A 399 16.02 -10.25 -26.98
N ALA A 400 16.76 -9.47 -27.77
CA ALA A 400 17.85 -10.07 -28.53
C ALA A 400 18.89 -10.68 -27.60
N ARG A 401 19.24 -9.97 -26.54
CA ARG A 401 20.24 -10.53 -25.63
C ARG A 401 19.74 -11.84 -25.00
N LEU A 402 18.45 -11.90 -24.70
CA LEU A 402 17.85 -13.13 -24.18
C LEU A 402 17.93 -14.26 -25.21
N HIS A 403 17.63 -13.96 -26.48
CA HIS A 403 17.66 -15.00 -27.49
C HIS A 403 19.09 -15.51 -27.69
N GLU A 404 20.06 -14.60 -27.67
CA GLU A 404 21.45 -15.00 -27.79
C GLU A 404 21.97 -15.71 -26.54
N GLY A 405 21.27 -15.62 -25.41
CA GLY A 405 21.75 -16.33 -24.24
C GLY A 405 21.20 -17.73 -24.00
N ILE A 406 20.48 -18.31 -24.96
CA ILE A 406 19.87 -19.64 -24.83
C ILE A 406 20.40 -20.53 -25.96
N GLU A 407 21.03 -21.65 -25.58
CA GLU A 407 21.52 -22.64 -26.54
C GLU A 407 20.57 -23.83 -26.57
N LYS A 408 20.06 -24.16 -27.75
CA LYS A 408 19.27 -25.38 -27.91
C LYS A 408 20.22 -26.55 -28.10
N ILE A 409 20.15 -27.55 -27.22
CA ILE A 409 21.08 -28.68 -27.23
C ILE A 409 20.30 -29.98 -27.27
N SER A 410 21.03 -31.08 -27.42
CA SER A 410 20.45 -32.42 -27.41
C SER A 410 21.16 -33.44 -26.52
N THR A 411 22.42 -33.21 -26.14
CA THR A 411 23.12 -34.19 -25.30
C THR A 411 23.79 -33.48 -24.14
N PHE A 412 24.04 -34.25 -23.07
CA PHE A 412 24.58 -33.67 -21.84
C PHE A 412 25.98 -33.10 -22.04
N ASP A 413 26.77 -33.64 -22.97
CA ASP A 413 28.13 -33.17 -23.14
C ASP A 413 28.19 -31.74 -23.67
N GLU A 414 27.11 -31.21 -24.22
CA GLU A 414 27.04 -29.81 -24.59
C GLU A 414 26.67 -28.90 -23.41
N VAL A 415 26.38 -29.44 -22.24
CA VAL A 415 25.86 -28.62 -21.16
C VAL A 415 26.97 -27.72 -20.61
N MET A 416 28.06 -28.32 -20.14
CA MET A 416 29.10 -27.52 -19.49
C MET A 416 29.70 -26.46 -20.40
N PRO A 417 29.98 -26.72 -21.69
CA PRO A 417 30.42 -25.60 -22.55
C PRO A 417 29.43 -24.45 -22.57
N ALA A 418 28.14 -24.75 -22.73
CA ALA A 418 27.14 -23.69 -22.82
C ALA A 418 27.06 -22.92 -21.50
N LEU A 419 27.10 -23.62 -20.37
CA LEU A 419 27.09 -22.93 -19.09
C LEU A 419 28.33 -22.04 -18.93
N ASN A 420 29.46 -22.46 -19.51
CA ASN A 420 30.68 -21.65 -19.38
C ASN A 420 30.65 -20.44 -20.28
N ARG A 421 29.82 -20.44 -21.32
CA ARG A 421 29.54 -19.25 -22.09
C ARG A 421 28.50 -18.36 -21.41
N LYS A 422 28.15 -18.69 -20.16
CA LYS A 422 27.14 -17.95 -19.41
C LYS A 422 25.79 -17.95 -20.13
N HIS A 423 25.40 -19.12 -20.63
CA HIS A 423 24.16 -19.26 -21.37
C HIS A 423 23.24 -20.22 -20.63
N LEU A 424 21.95 -20.14 -20.98
CA LEU A 424 21.00 -21.16 -20.59
C LEU A 424 20.98 -22.22 -21.67
N VAL A 425 20.42 -23.39 -21.33
CA VAL A 425 20.24 -24.44 -22.32
C VAL A 425 18.78 -24.84 -22.37
N LEU A 426 18.29 -25.01 -23.60
CA LEU A 426 16.98 -25.59 -23.88
C LEU A 426 17.20 -27.02 -24.38
N ALA A 427 16.67 -28.00 -23.64
CA ALA A 427 17.07 -29.38 -23.88
C ALA A 427 15.86 -30.30 -23.72
N PRO A 428 15.79 -31.37 -24.51
CA PRO A 428 14.68 -32.30 -24.38
C PRO A 428 14.84 -33.13 -23.12
N TRP A 429 13.77 -33.28 -22.36
CA TRP A 429 13.88 -33.89 -21.04
C TRP A 429 12.70 -34.83 -20.76
N CYS A 430 13.02 -35.95 -20.09
CA CYS A 430 12.03 -36.95 -19.70
C CYS A 430 11.14 -36.52 -18.52
N GLU A 431 11.54 -35.49 -17.78
CA GLU A 431 10.71 -34.94 -16.69
C GLU A 431 10.57 -35.91 -15.51
N ASP A 432 11.57 -36.73 -15.26
CA ASP A 432 11.59 -37.47 -13.98
C ASP A 432 12.36 -36.66 -12.92
N PRO A 433 11.85 -36.55 -11.69
CA PRO A 433 12.47 -35.62 -10.72
C PRO A 433 13.84 -36.07 -10.21
N GLU A 434 14.01 -37.39 -10.02
CA GLU A 434 15.32 -37.91 -9.66
C GLU A 434 16.39 -37.34 -10.59
N SER A 435 16.07 -37.24 -11.88
CA SER A 435 17.07 -36.79 -12.83
C SER A 435 17.39 -35.33 -12.63
N GLU A 436 16.44 -34.52 -12.14
CA GLU A 436 16.75 -33.13 -11.83
C GLU A 436 17.74 -33.04 -10.67
N GLU A 437 17.54 -33.87 -9.63
CA GLU A 437 18.54 -33.85 -8.55
C GLU A 437 19.91 -34.33 -9.05
N GLN A 438 19.92 -35.38 -9.88
CA GLN A 438 21.19 -35.91 -10.37
C GLN A 438 21.93 -34.89 -11.23
N ILE A 439 21.19 -34.22 -12.13
CA ILE A 439 21.76 -33.17 -12.97
C ILE A 439 22.31 -32.04 -12.11
N LYS A 440 21.58 -31.65 -11.07
CA LYS A 440 22.07 -30.58 -10.20
C LYS A 440 23.43 -30.95 -9.63
N LYS A 441 23.53 -32.16 -9.07
CA LYS A 441 24.77 -32.57 -8.43
C LYS A 441 25.92 -32.68 -9.43
N GLU A 442 25.67 -33.30 -10.59
CA GLU A 442 26.76 -33.46 -11.55
C GLU A 442 27.21 -32.11 -12.12
N THR A 443 26.27 -31.19 -12.39
CA THR A 443 26.68 -29.88 -12.90
C THR A 443 27.47 -29.11 -11.85
N GLN A 444 27.11 -29.22 -10.61
CA GLN A 444 27.84 -28.53 -9.62
C GLN A 444 29.26 -29.07 -9.52
N LYS A 445 29.40 -30.37 -9.51
CA LYS A 445 30.69 -30.98 -9.41
C LYS A 445 31.55 -30.61 -10.56
N LEU A 446 31.01 -30.60 -11.75
CA LEU A 446 31.75 -30.19 -12.89
C LEU A 446 32.11 -28.75 -12.93
N SER A 447 31.37 -27.89 -12.26
CA SER A 447 31.64 -26.48 -12.24
C SER A 447 32.99 -26.17 -11.64
N GLU A 448 33.30 -26.91 -10.60
CA GLU A 448 34.57 -26.85 -9.97
C GLU A 448 35.65 -27.40 -10.91
N MET A 461 26.23 -18.07 -6.52
CA MET A 461 27.59 -18.59 -6.37
C MET A 461 27.65 -20.09 -6.68
N THR A 462 26.53 -20.78 -6.46
CA THR A 462 26.45 -22.19 -6.82
C THR A 462 26.62 -22.36 -8.34
N GLY A 463 27.40 -23.36 -8.73
CA GLY A 463 27.54 -23.66 -10.13
C GLY A 463 26.51 -24.61 -10.67
N ALA A 464 25.61 -25.09 -9.81
CA ALA A 464 24.62 -26.09 -10.22
C ALA A 464 23.68 -25.52 -11.28
N MET A 465 23.16 -26.41 -12.11
CA MET A 465 22.15 -26.09 -13.10
C MET A 465 20.85 -26.77 -12.70
N LYS A 466 19.76 -26.02 -12.66
CA LYS A 466 18.46 -26.57 -12.37
C LYS A 466 17.50 -26.14 -13.48
N THR A 467 16.29 -26.72 -13.45
CA THR A 467 15.27 -26.29 -14.40
C THR A 467 14.81 -24.90 -14.03
N LEU A 468 14.65 -24.07 -15.05
CA LEU A 468 14.00 -22.78 -14.89
C LEU A 468 12.53 -22.90 -15.24
N CYS A 469 12.21 -23.40 -16.44
CA CYS A 469 10.80 -23.71 -16.65
C CYS A 469 10.66 -24.61 -17.85
N ILE A 470 9.50 -25.24 -17.96
CA ILE A 470 9.07 -25.92 -19.17
C ILE A 470 8.25 -24.90 -19.97
N PRO A 471 8.78 -24.33 -21.04
CA PRO A 471 8.11 -23.17 -21.66
C PRO A 471 6.78 -23.56 -22.26
N PHE A 472 5.80 -22.65 -22.17
CA PHE A 472 4.55 -22.85 -22.89
C PHE A 472 4.81 -23.02 -24.40
N ASP A 473 5.72 -22.22 -24.94
CA ASP A 473 6.07 -22.24 -26.36
C ASP A 473 7.05 -23.39 -26.57
N GLN A 474 6.54 -24.54 -27.02
CA GLN A 474 7.33 -25.75 -27.15
C GLN A 474 7.86 -25.89 -28.57
N PRO A 475 9.16 -26.01 -28.78
CA PRO A 475 9.66 -26.39 -30.11
C PRO A 475 9.18 -27.80 -30.47
N PRO A 476 9.16 -28.15 -31.76
CA PRO A 476 8.76 -29.51 -32.13
C PRO A 476 9.66 -30.55 -31.50
N MET A 477 9.06 -31.69 -31.16
CA MET A 477 9.76 -32.84 -30.60
C MET A 477 9.78 -33.95 -31.65
N PRO A 478 10.82 -34.07 -32.47
CA PRO A 478 10.84 -35.15 -33.45
C PRO A 478 10.62 -36.50 -32.78
N GLU A 479 9.93 -37.40 -33.47
CA GLU A 479 9.64 -38.73 -32.95
C GLU A 479 10.92 -39.43 -32.52
N GLY A 480 10.89 -40.01 -31.32
CA GLY A 480 12.04 -40.73 -30.80
C GLY A 480 13.14 -39.88 -30.19
N THR A 481 12.90 -38.58 -29.97
CA THR A 481 13.93 -37.75 -29.36
C THR A 481 14.22 -38.22 -27.94
N LYS A 482 15.50 -38.34 -27.62
CA LYS A 482 15.93 -38.85 -26.33
C LYS A 482 16.19 -37.72 -25.32
N CYS A 483 15.89 -38.01 -24.06
CA CYS A 483 16.22 -37.09 -22.97
C CYS A 483 17.71 -36.82 -22.95
N PHE A 484 18.09 -35.54 -22.86
CA PHE A 484 19.51 -35.20 -22.98
C PHE A 484 20.38 -35.82 -21.90
N TYR A 485 19.79 -36.33 -20.83
CA TYR A 485 20.60 -36.83 -19.72
C TYR A 485 20.41 -38.31 -19.45
N THR A 486 19.16 -38.80 -19.43
CA THR A 486 18.89 -40.20 -19.11
C THR A 486 18.88 -41.10 -20.34
N GLY A 487 18.71 -40.55 -21.53
CA GLY A 487 18.51 -41.37 -22.71
C GLY A 487 17.13 -41.95 -22.85
N LYS A 488 16.26 -41.80 -21.85
CA LYS A 488 14.87 -42.20 -21.98
C LYS A 488 14.18 -41.28 -22.99
N PRO A 489 12.99 -41.65 -23.46
CA PRO A 489 12.27 -40.77 -24.39
C PRO A 489 11.99 -39.41 -23.78
N ALA A 490 12.40 -38.37 -24.49
CA ALA A 490 12.12 -37.01 -24.03
C ALA A 490 10.62 -36.75 -24.04
N LYS A 491 10.14 -36.04 -23.02
CA LYS A 491 8.75 -35.63 -22.99
C LYS A 491 8.58 -34.21 -23.50
N ARG A 492 9.34 -33.24 -22.99
CA ARG A 492 9.17 -31.88 -23.47
C ARG A 492 10.51 -31.16 -23.49
N TRP A 493 10.55 -30.01 -24.16
CA TRP A 493 11.72 -29.14 -24.06
C TRP A 493 11.69 -28.37 -22.74
N THR A 494 12.81 -28.41 -22.02
CA THR A 494 12.91 -27.75 -20.73
C THR A 494 14.08 -26.78 -20.75
N LEU A 495 13.87 -25.62 -20.15
CA LEU A 495 14.88 -24.57 -20.03
C LEU A 495 15.57 -24.69 -18.68
N TRP A 496 16.90 -24.79 -18.74
CA TRP A 496 17.82 -25.01 -17.63
C TRP A 496 18.86 -23.89 -17.57
N GLY A 497 19.37 -23.66 -16.37
CA GLY A 497 20.51 -22.77 -16.23
C GLY A 497 20.98 -22.72 -14.79
N ARG A 498 22.11 -22.06 -14.60
CA ARG A 498 22.38 -21.56 -13.27
C ARG A 498 21.37 -20.47 -12.96
N SER A 499 21.09 -20.27 -11.68
CA SER A 499 19.95 -19.41 -11.34
C SER A 499 20.18 -18.69 -10.03
N TYR A 500 19.32 -17.71 -9.79
CA TYR A 500 19.15 -17.09 -8.50
C TYR A 500 18.24 -17.96 -7.63
N MET B 3 -28.27 -9.53 11.35
CA MET B 3 -28.94 -8.30 11.81
C MET B 3 -28.44 -7.83 13.18
N VAL B 4 -28.21 -6.52 13.29
CA VAL B 4 -27.77 -5.92 14.55
C VAL B 4 -28.96 -5.84 15.50
N THR B 5 -28.81 -6.45 16.68
CA THR B 5 -29.88 -6.45 17.68
C THR B 5 -29.58 -5.56 18.89
N ALA B 6 -28.31 -5.28 19.16
CA ALA B 6 -27.99 -4.34 20.24
C ALA B 6 -28.23 -2.91 19.76
N LYS B 7 -28.69 -2.07 20.67
CA LYS B 7 -29.04 -0.70 20.33
C LYS B 7 -27.91 0.24 20.70
N LYS B 8 -27.61 1.17 19.78
CA LYS B 8 -26.36 1.93 19.83
C LYS B 8 -26.19 2.72 21.11
N ASP B 9 -27.24 3.39 21.60
CA ASP B 9 -27.01 4.24 22.77
C ASP B 9 -27.14 3.45 24.07
N GLU B 10 -27.92 2.35 24.07
CA GLU B 10 -28.09 1.57 25.29
C GLU B 10 -26.89 0.66 25.59
N ASN B 11 -26.35 0.00 24.56
CA ASN B 11 -25.32 -1.02 24.71
C ASN B 11 -24.27 -0.81 23.61
N PHE B 12 -23.45 0.24 23.78
CA PHE B 12 -22.67 0.78 22.66
C PHE B 12 -21.56 -0.18 22.25
N SER B 13 -20.80 -0.71 23.20
CA SER B 13 -19.70 -1.61 22.84
C SER B 13 -20.23 -2.87 22.16
N GLU B 14 -21.31 -3.43 22.67
CA GLU B 14 -21.93 -4.58 22.02
C GLU B 14 -22.42 -4.21 20.62
N TRP B 15 -23.01 -3.02 20.48
CA TRP B 15 -23.45 -2.54 19.17
C TRP B 15 -22.27 -2.47 18.21
N TYR B 16 -21.11 -2.00 18.68
CA TYR B 16 -19.95 -1.83 17.82
C TYR B 16 -19.44 -3.18 17.33
N THR B 17 -19.32 -4.13 18.25
CA THR B 17 -18.85 -5.46 17.87
C THR B 17 -19.81 -6.12 16.87
N GLN B 18 -21.11 -6.10 17.16
CA GLN B 18 -22.08 -6.66 16.24
C GLN B 18 -21.99 -5.99 14.88
N ALA B 19 -21.89 -4.66 14.86
CA ALA B 19 -21.93 -3.92 13.60
C ALA B 19 -20.72 -4.23 12.74
N ILE B 20 -19.53 -4.30 13.35
CA ILE B 20 -18.35 -4.44 12.49
C ILE B 20 -18.26 -5.87 11.96
N VAL B 21 -18.81 -6.85 12.68
CA VAL B 21 -18.77 -8.20 12.13
C VAL B 21 -19.92 -8.46 11.15
N ARG B 22 -21.15 -8.14 11.52
CA ARG B 22 -22.28 -8.45 10.66
C ARG B 22 -22.23 -7.64 9.36
N SER B 23 -21.44 -6.58 9.32
CA SER B 23 -21.25 -5.85 8.07
C SER B 23 -20.16 -6.46 7.20
N GLU B 24 -19.46 -7.51 7.66
CA GLU B 24 -18.36 -8.14 6.92
C GLU B 24 -17.19 -7.18 6.74
N MET B 25 -16.97 -6.30 7.72
CA MET B 25 -15.79 -5.43 7.68
C MET B 25 -14.55 -6.16 8.18
N ILE B 26 -14.67 -6.89 9.29
CA ILE B 26 -13.53 -7.58 9.87
C ILE B 26 -13.88 -9.06 10.07
N GLU B 27 -12.82 -9.86 10.15
CA GLU B 27 -12.93 -11.26 10.53
C GLU B 27 -11.99 -11.49 11.71
N TYR B 28 -12.40 -12.39 12.59
CA TYR B 28 -11.62 -12.72 13.77
C TYR B 28 -10.46 -13.65 13.39
N TYR B 29 -9.57 -13.88 14.36
CA TYR B 29 -8.26 -14.45 14.08
C TYR B 29 -7.75 -15.13 15.35
N ASP B 30 -6.92 -16.16 15.18
CA ASP B 30 -6.54 -16.99 16.32
C ASP B 30 -5.38 -16.41 17.14
N ILE B 31 -4.96 -15.18 16.84
CA ILE B 31 -3.99 -14.45 17.64
C ILE B 31 -4.65 -13.18 18.15
N SER B 32 -4.70 -13.03 19.48
CA SER B 32 -5.37 -11.91 20.14
C SER B 32 -4.88 -10.57 19.61
N GLY B 33 -5.83 -9.65 19.49
CA GLY B 33 -5.58 -8.29 19.07
C GLY B 33 -5.37 -8.11 17.59
N CYS B 34 -5.47 -9.18 16.78
CA CYS B 34 -5.28 -9.04 15.34
C CYS B 34 -6.59 -9.34 14.63
N TYR B 35 -6.89 -8.54 13.60
CA TYR B 35 -8.16 -8.62 12.89
C TYR B 35 -7.94 -8.55 11.39
N ILE B 36 -8.57 -9.47 10.65
CA ILE B 36 -8.57 -9.41 9.20
C ILE B 36 -9.44 -8.25 8.75
N MET B 37 -8.94 -7.46 7.81
CA MET B 37 -9.70 -6.39 7.18
C MET B 37 -10.26 -6.92 5.87
N ARG B 38 -11.55 -7.21 5.84
CA ARG B 38 -12.19 -7.67 4.63
C ARG B 38 -12.37 -6.49 3.66
N PRO B 39 -12.66 -6.77 2.38
CA PRO B 39 -12.79 -5.66 1.41
C PRO B 39 -13.76 -4.55 1.82
N TRP B 40 -14.87 -4.88 2.51
CA TRP B 40 -15.85 -3.84 2.83
C TRP B 40 -15.22 -2.71 3.65
N ALA B 41 -14.27 -3.04 4.54
CA ALA B 41 -13.48 -2.04 5.27
C ALA B 41 -12.27 -1.56 4.46
N PHE B 42 -11.56 -2.50 3.84
CA PHE B 42 -10.29 -2.16 3.24
C PHE B 42 -10.47 -1.14 2.12
N HIS B 43 -11.54 -1.26 1.34
CA HIS B 43 -11.82 -0.26 0.31
C HIS B 43 -11.88 1.15 0.89
N ILE B 44 -12.41 1.30 2.10
CA ILE B 44 -12.46 2.63 2.70
C ILE B 44 -11.05 3.12 2.97
N TRP B 45 -10.23 2.22 3.51
CA TRP B 45 -8.81 2.56 3.63
C TRP B 45 -8.21 2.96 2.28
N GLU B 46 -8.54 2.22 1.22
CA GLU B 46 -7.95 2.53 -0.09
C GLU B 46 -8.34 3.92 -0.53
N LYS B 47 -9.57 4.32 -0.22
CA LYS B 47 -10.05 5.62 -0.65
C LYS B 47 -9.36 6.75 0.10
N VAL B 48 -9.29 6.66 1.44
CA VAL B 48 -8.64 7.79 2.14
C VAL B 48 -7.14 7.77 1.87
N GLN B 49 -6.56 6.60 1.62
CA GLN B 49 -5.15 6.53 1.29
C GLN B 49 -4.87 7.24 -0.03
N ARG B 50 -5.70 6.99 -1.04
CA ARG B 50 -5.52 7.65 -2.33
C ARG B 50 -5.67 9.15 -2.19
N PHE B 51 -6.68 9.60 -1.43
CA PHE B 51 -6.85 11.05 -1.23
C PHE B 51 -5.62 11.67 -0.55
N PHE B 52 -5.25 11.16 0.62
CA PHE B 52 -4.11 11.76 1.33
C PHE B 52 -2.83 11.69 0.51
N ASP B 53 -2.59 10.55 -0.16
CA ASP B 53 -1.36 10.37 -0.91
C ASP B 53 -1.28 11.36 -2.07
N ASP B 54 -2.39 11.54 -2.81
CA ASP B 54 -2.40 12.58 -3.84
C ASP B 54 -2.03 13.93 -3.25
N GLU B 55 -2.57 14.26 -2.07
CA GLU B 55 -2.35 15.60 -1.53
C GLU B 55 -0.89 15.78 -1.08
N ILE B 56 -0.33 14.80 -0.37
CA ILE B 56 1.05 14.99 0.08
C ILE B 56 2.00 15.00 -1.12
N LYS B 57 1.72 14.23 -2.18
CA LYS B 57 2.57 14.33 -3.37
C LYS B 57 2.53 15.74 -3.94
N LYS B 58 1.37 16.39 -3.87
CA LYS B 58 1.37 17.79 -4.31
C LYS B 58 2.28 18.64 -3.42
N MET B 59 2.49 18.21 -2.19
CA MET B 59 3.44 18.99 -1.38
C MET B 59 4.90 18.60 -1.57
N GLY B 60 5.20 17.65 -2.46
CA GLY B 60 6.58 17.22 -2.63
C GLY B 60 7.02 16.14 -1.67
N VAL B 61 6.10 15.56 -0.90
CA VAL B 61 6.42 14.39 -0.09
C VAL B 61 6.45 13.16 -1.01
N GLU B 62 7.44 12.29 -0.81
CA GLU B 62 7.64 11.11 -1.64
C GLU B 62 7.64 9.86 -0.80
N ASN B 63 7.06 8.78 -1.35
CA ASN B 63 6.94 7.58 -0.54
C ASN B 63 8.25 6.79 -0.55
N SER B 64 8.34 5.86 0.40
CA SER B 64 9.57 5.11 0.61
C SER B 64 9.18 3.89 1.42
N TYR B 65 10.15 3.01 1.66
CA TYR B 65 9.89 1.87 2.53
C TYR B 65 11.14 1.57 3.32
N PHE B 66 11.01 1.63 4.64
CA PHE B 66 12.08 1.30 5.54
C PHE B 66 11.82 -0.05 6.17
N PRO B 67 12.87 -0.78 6.57
CA PRO B 67 12.66 -2.16 7.05
C PRO B 67 11.79 -2.18 8.30
N MET B 68 11.20 -3.34 8.55
CA MET B 68 10.34 -3.50 9.71
C MET B 68 11.10 -3.92 10.96
N PHE B 69 12.41 -4.16 10.84
CA PHE B 69 13.23 -4.65 11.94
C PHE B 69 14.12 -3.54 12.48
N VAL B 70 14.07 -3.32 13.79
CA VAL B 70 14.84 -2.29 14.49
C VAL B 70 15.95 -2.96 15.29
N SER B 71 17.17 -2.45 15.15
CA SER B 71 18.37 -3.07 15.75
C SER B 71 18.32 -3.20 17.28
N VAL B 89 11.28 -5.10 23.38
CA VAL B 89 11.63 -5.61 22.07
C VAL B 89 11.04 -6.99 21.79
N ALA B 90 10.23 -7.07 20.72
CA ALA B 90 9.81 -8.34 20.13
C ALA B 90 11.03 -8.96 19.46
N TRP B 91 11.66 -9.93 20.11
CA TRP B 91 12.90 -10.50 19.60
C TRP B 91 12.61 -11.65 18.64
N VAL B 92 13.34 -11.68 17.54
CA VAL B 92 13.27 -12.79 16.60
C VAL B 92 14.55 -13.59 16.76
N THR B 93 14.46 -14.70 17.49
CA THR B 93 15.62 -15.45 17.92
C THR B 93 15.98 -16.61 17.01
N HIS B 94 15.09 -17.01 16.10
CA HIS B 94 15.36 -18.20 15.30
C HIS B 94 14.76 -18.06 13.91
N TYR B 95 15.30 -18.85 12.99
CA TYR B 95 14.81 -18.97 11.62
C TYR B 95 14.54 -20.46 11.40
N GLY B 96 13.28 -20.86 11.56
CA GLY B 96 12.87 -22.24 11.44
C GLY B 96 13.65 -23.23 12.29
N ASP B 97 13.74 -22.89 13.54
CA ASP B 97 14.48 -23.69 14.48
C ASP B 97 15.94 -23.85 14.15
N SER B 98 16.51 -22.75 13.71
CA SER B 98 17.90 -22.58 13.51
C SER B 98 18.02 -21.29 14.30
N PRO B 99 18.80 -21.29 15.37
CA PRO B 99 18.87 -20.07 16.17
C PRO B 99 19.66 -19.03 15.48
N LEU B 100 19.39 -17.80 15.83
CA LEU B 100 20.12 -16.74 15.18
C LEU B 100 20.90 -15.90 16.13
N PRO B 101 22.12 -15.59 15.73
CA PRO B 101 23.14 -14.74 16.36
C PRO B 101 22.81 -13.27 16.22
N ILE B 104 16.16 -9.07 16.81
CA ILE B 104 15.39 -8.24 15.92
C ILE B 104 14.32 -7.55 16.65
N ALA B 105 13.72 -6.55 16.05
CA ALA B 105 12.66 -5.84 16.78
C ALA B 105 11.72 -5.13 15.79
N ILE B 106 10.44 -5.33 15.96
CA ILE B 106 9.48 -4.76 15.01
C ILE B 106 9.23 -3.28 15.31
N ARG B 107 8.96 -2.51 14.26
CA ARG B 107 8.77 -1.07 14.40
C ARG B 107 7.45 -0.77 15.12
N PRO B 108 7.47 0.03 16.20
CA PRO B 108 6.23 0.68 16.66
C PRO B 108 5.99 2.00 15.94
N THR B 109 7.05 2.51 15.30
CA THR B 109 7.18 3.78 14.61
C THR B 109 8.67 3.88 14.25
N SER B 110 9.00 4.62 13.20
CA SER B 110 10.27 4.35 12.53
C SER B 110 11.31 5.44 12.73
N GLU B 111 11.13 6.32 13.72
CA GLU B 111 12.07 7.42 13.92
C GLU B 111 13.50 6.90 14.03
N THR B 112 13.72 5.89 14.86
CA THR B 112 15.05 5.33 15.04
C THR B 112 15.52 4.52 13.84
N ILE B 113 14.61 4.14 12.94
CA ILE B 113 15.00 3.46 11.72
C ILE B 113 15.44 4.45 10.66
N MET B 114 14.76 5.60 10.58
CA MET B 114 14.95 6.58 9.51
C MET B 114 15.98 7.65 9.83
N TYR B 115 16.18 7.99 11.08
CA TYR B 115 16.91 9.21 11.32
C TYR B 115 18.43 9.05 11.18
N PRO B 116 19.03 7.87 11.44
CA PRO B 116 20.44 7.70 11.02
C PRO B 116 20.62 7.88 9.52
N ALA B 117 19.67 7.38 8.73
CA ALA B 117 19.72 7.58 7.29
C ALA B 117 19.64 9.05 6.94
N TYR B 118 18.77 9.80 7.63
CA TYR B 118 18.66 11.24 7.44
C TYR B 118 19.99 11.95 7.77
N ALA B 119 20.64 11.53 8.86
CA ALA B 119 21.94 12.10 9.19
C ALA B 119 22.93 11.87 8.05
N LYS B 120 22.83 10.72 7.38
CA LYS B 120 23.73 10.44 6.25
C LYS B 120 23.35 11.27 5.02
N TRP B 121 22.06 11.39 4.72
CA TRP B 121 21.62 12.00 3.47
C TRP B 121 21.73 13.53 3.47
N ILE B 122 21.75 14.16 4.63
CA ILE B 122 21.71 15.62 4.73
C ILE B 122 23.11 16.11 5.10
N ARG B 123 23.68 16.94 4.24
CA ARG B 123 25.00 17.54 4.43
C ARG B 123 24.98 19.06 4.33
N SER B 124 24.18 19.61 3.43
CA SER B 124 24.17 21.06 3.27
C SER B 124 22.74 21.53 3.05
N HIS B 125 22.60 22.85 3.06
CA HIS B 125 21.28 23.46 3.00
C HIS B 125 20.52 23.07 1.74
N ARG B 126 21.22 22.74 0.67
CA ARG B 126 20.48 22.40 -0.54
C ARG B 126 19.94 20.98 -0.50
N ASP B 127 20.37 20.15 0.47
CA ASP B 127 19.71 18.88 0.73
C ASP B 127 18.34 19.06 1.41
N LEU B 128 17.89 20.28 1.68
CA LEU B 128 16.68 20.51 2.44
C LEU B 128 15.69 21.33 1.63
N PRO B 129 14.38 21.18 1.87
CA PRO B 129 13.80 20.21 2.81
C PRO B 129 13.86 18.77 2.28
N LEU B 130 13.85 17.81 3.20
CA LEU B 130 13.71 16.40 2.88
C LEU B 130 12.36 15.95 3.44
N LYS B 131 11.52 15.35 2.59
CA LYS B 131 10.17 14.96 2.98
C LYS B 131 9.88 13.54 2.51
N LEU B 132 9.70 12.60 3.45
CA LEU B 132 9.42 11.22 3.12
C LEU B 132 8.15 10.77 3.83
N ASN B 133 7.45 9.84 3.21
CA ASN B 133 6.30 9.20 3.82
C ASN B 133 6.46 7.71 3.61
N GLN B 134 5.85 6.92 4.48
CA GLN B 134 5.66 5.51 4.16
C GLN B 134 4.30 5.03 4.65
N TRP B 135 3.68 4.18 3.83
CA TRP B 135 2.46 3.47 4.18
C TRP B 135 2.86 2.08 4.66
N CYS B 136 2.52 1.73 5.89
CA CYS B 136 2.89 0.40 6.33
C CYS B 136 2.03 -0.01 7.52
N SER B 137 2.32 -1.17 8.09
CA SER B 137 1.67 -1.60 9.31
C SER B 137 2.67 -1.44 10.43
N VAL B 138 2.15 -1.18 11.62
CA VAL B 138 2.98 -1.18 12.82
C VAL B 138 2.32 -2.07 13.85
N VAL B 139 3.16 -2.54 14.77
CA VAL B 139 2.80 -3.47 15.81
C VAL B 139 3.06 -2.81 17.15
N ARG B 140 2.06 -2.84 18.03
CA ARG B 140 2.22 -2.30 19.38
C ARG B 140 1.53 -3.30 20.30
N TRP B 141 2.31 -4.06 21.06
CA TRP B 141 1.81 -5.23 21.78
C TRP B 141 1.43 -4.89 23.23
N GLU B 142 0.48 -3.97 23.38
CA GLU B 142 0.03 -3.58 24.71
C GLU B 142 -0.84 -4.67 25.35
N PHE B 143 -0.69 -4.84 26.66
CA PHE B 143 -1.42 -5.89 27.38
C PHE B 143 -2.91 -5.65 27.40
N LYS B 144 -3.34 -4.38 27.34
CA LYS B 144 -4.73 -3.99 27.61
C LYS B 144 -5.69 -4.63 26.58
N GLN B 145 -6.99 -4.51 26.87
CA GLN B 145 -8.00 -5.22 26.08
C GLN B 145 -8.10 -4.63 24.68
N PRO B 146 -8.35 -5.46 23.65
CA PRO B 146 -8.32 -4.99 22.26
C PRO B 146 -9.69 -4.74 21.67
N THR B 147 -9.76 -3.79 20.73
CA THR B 147 -11.01 -3.47 20.05
C THR B 147 -10.73 -3.12 18.59
N PRO B 148 -11.38 -3.80 17.65
CA PRO B 148 -11.03 -3.62 16.23
C PRO B 148 -11.09 -2.15 15.82
N PHE B 149 -10.12 -1.77 14.99
CA PHE B 149 -9.91 -0.41 14.47
C PHE B 149 -9.42 0.55 15.55
N LEU B 150 -9.95 0.42 16.76
CA LEU B 150 -9.71 1.45 17.76
C LEU B 150 -8.35 1.26 18.41
N ARG B 151 -8.12 0.08 19.00
CA ARG B 151 -6.85 -0.21 19.68
C ARG B 151 -6.51 -1.68 19.47
N THR B 152 -5.51 -1.95 18.60
CA THR B 152 -5.20 -3.30 18.14
C THR B 152 -3.70 -3.58 18.17
N ARG B 153 -3.37 -4.88 18.12
CA ARG B 153 -1.98 -5.31 18.11
C ARG B 153 -1.25 -4.84 16.85
N GLU B 154 -1.89 -4.96 15.70
CA GLU B 154 -1.31 -4.48 14.44
C GLU B 154 -2.31 -3.56 13.78
N PHE B 155 -1.82 -2.45 13.23
CA PHE B 155 -2.70 -1.55 12.47
C PHE B 155 -1.93 -0.94 11.30
N LEU B 156 -2.66 -0.48 10.31
CA LEU B 156 -2.07 0.20 9.17
C LEU B 156 -2.05 1.70 9.42
N TRP B 157 -1.08 2.37 8.80
CA TRP B 157 -1.02 3.83 8.89
C TRP B 157 -0.18 4.37 7.75
N GLN B 158 -0.01 5.66 7.79
CA GLN B 158 1.01 6.34 7.06
C GLN B 158 1.77 7.15 8.10
N GLU B 159 3.04 7.23 7.96
CA GLU B 159 3.90 8.09 8.77
C GLU B 159 4.79 8.92 7.86
N GLY B 160 4.69 10.24 7.99
CA GLY B 160 5.54 11.17 7.27
C GLY B 160 6.56 11.77 8.21
N HIS B 161 7.78 11.95 7.69
CA HIS B 161 8.90 12.54 8.44
C HIS B 161 9.63 13.52 7.52
N THR B 162 9.72 14.77 7.95
CA THR B 162 10.38 15.80 7.17
C THR B 162 11.42 16.51 8.01
N ALA B 163 12.36 17.14 7.30
CA ALA B 163 13.44 17.92 7.87
C ALA B 163 13.61 19.18 7.04
N HIS B 164 13.81 20.31 7.73
CA HIS B 164 13.80 21.64 7.13
C HIS B 164 14.95 22.47 7.70
N ALA B 165 15.33 23.51 6.94
CA ALA B 165 16.40 24.38 7.39
C ALA B 165 15.96 25.33 8.50
N THR B 166 14.67 25.70 8.53
CA THR B 166 14.19 26.63 9.56
C THR B 166 13.00 26.03 10.30
N GLU B 167 12.73 26.59 11.47
CA GLU B 167 11.58 26.14 12.23
CA GLU B 167 11.58 26.14 12.23
C GLU B 167 10.28 26.64 11.62
N GLU B 168 10.28 27.85 11.06
CA GLU B 168 9.07 28.38 10.45
C GLU B 168 8.58 27.49 9.31
N GLU B 169 9.50 26.98 8.49
CA GLU B 169 9.08 26.11 7.38
C GLU B 169 8.54 24.77 7.89
N ALA B 170 9.20 24.19 8.90
CA ALA B 170 8.70 22.96 9.51
C ALA B 170 7.30 23.16 10.10
N TRP B 171 7.07 24.29 10.79
CA TRP B 171 5.76 24.54 11.38
C TRP B 171 4.69 24.73 10.31
N GLU B 172 5.04 25.43 9.23
CA GLU B 172 4.10 25.56 8.11
C GLU B 172 3.69 24.20 7.59
N LEU B 173 4.64 23.25 7.46
CA LEU B 173 4.27 21.92 7.01
C LEU B 173 3.40 21.18 8.04
N VAL B 174 3.75 21.30 9.33
CA VAL B 174 2.91 20.71 10.38
C VAL B 174 1.44 21.11 10.17
N LEU B 175 1.20 22.42 9.94
CA LEU B 175 -0.16 22.92 9.80
C LEU B 175 -0.81 22.45 8.50
N ASP B 176 -0.04 22.41 7.40
CA ASP B 176 -0.58 21.91 6.12
C ASP B 176 -1.02 20.46 6.24
N ILE B 177 -0.21 19.63 6.89
CA ILE B 177 -0.58 18.23 7.11
C ILE B 177 -1.82 18.13 8.00
N LEU B 178 -1.86 18.91 9.08
CA LEU B 178 -3.04 18.88 9.94
C LEU B 178 -4.30 19.24 9.17
N GLU B 179 -4.20 20.22 8.26
CA GLU B 179 -5.36 20.56 7.44
C GLU B 179 -5.77 19.38 6.55
N LEU B 180 -4.77 18.69 5.98
CA LEU B 180 -5.06 17.49 5.20
C LEU B 180 -5.78 16.44 6.05
N TYR B 181 -5.42 16.33 7.33
CA TYR B 181 -6.11 15.38 8.19
C TYR B 181 -7.54 15.81 8.44
N ARG B 182 -7.76 17.11 8.64
CA ARG B 182 -9.12 17.62 8.73
C ARG B 182 -9.91 17.21 7.50
N ARG B 183 -9.29 17.29 6.33
CA ARG B 183 -10.03 16.97 5.11
C ARG B 183 -10.27 15.47 4.99
N TRP B 184 -9.27 14.66 5.36
CA TRP B 184 -9.44 13.22 5.44
C TRP B 184 -10.69 12.87 6.23
N TYR B 185 -10.83 13.46 7.42
CA TYR B 185 -11.99 13.13 8.25
C TYR B 185 -13.28 13.78 7.77
N GLU B 186 -13.27 15.08 7.48
CA GLU B 186 -14.51 15.80 7.23
C GLU B 186 -15.01 15.64 5.80
N GLU B 187 -14.11 15.66 4.82
CA GLU B 187 -14.53 15.57 3.42
C GLU B 187 -14.67 14.13 2.93
N CYS B 188 -13.83 13.22 3.42
CA CYS B 188 -13.93 11.81 3.00
C CYS B 188 -14.90 11.05 3.87
N LEU B 189 -14.70 11.11 5.17
CA LEU B 189 -15.44 10.28 6.11
C LEU B 189 -16.63 10.99 6.74
N ALA B 190 -16.84 12.27 6.46
CA ALA B 190 -17.94 13.09 7.00
C ALA B 190 -17.93 13.15 8.52
N VAL B 191 -16.74 13.06 9.11
CA VAL B 191 -16.56 13.13 10.56
C VAL B 191 -16.01 14.51 10.92
N PRO B 192 -16.72 15.31 11.71
CA PRO B 192 -16.17 16.61 12.15
C PRO B 192 -15.09 16.42 13.20
N VAL B 193 -14.02 17.20 13.09
CA VAL B 193 -12.94 17.15 14.06
C VAL B 193 -12.55 18.56 14.48
N ILE B 194 -11.83 18.65 15.58
CA ILE B 194 -11.40 19.91 16.16
C ILE B 194 -9.88 19.99 16.10
N LYS B 195 -9.37 21.03 15.46
CA LYS B 195 -7.93 21.25 15.41
C LYS B 195 -7.47 21.85 16.73
N GLY B 196 -6.31 21.40 17.20
CA GLY B 196 -5.79 21.96 18.43
C GLY B 196 -4.35 21.53 18.69
N GLU B 197 -3.85 21.97 19.83
CA GLU B 197 -2.49 21.71 20.28
C GLU B 197 -2.55 20.84 21.53
N LYS B 198 -1.66 19.85 21.61
CA LYS B 198 -1.65 19.00 22.79
C LYS B 198 -1.00 19.72 23.96
N SER B 199 -1.41 19.36 25.17
CA SER B 199 -0.76 19.88 26.37
C SER B 199 0.68 19.36 26.45
N GLU B 200 1.47 19.97 27.34
CA GLU B 200 2.84 19.51 27.54
C GLU B 200 2.88 18.04 27.92
N GLY B 201 1.97 17.61 28.80
CA GLY B 201 1.91 16.22 29.23
C GLY B 201 1.42 15.23 28.18
N GLU B 202 0.72 15.70 27.15
CA GLU B 202 0.21 14.79 26.14
C GLU B 202 0.89 14.93 24.78
N LYS B 203 1.92 15.77 24.67
CA LYS B 203 2.62 15.90 23.41
C LYS B 203 3.57 14.71 23.20
N PHE B 204 4.01 14.55 21.95
CA PHE B 204 4.93 13.46 21.58
C PHE B 204 6.18 13.52 22.43
N ALA B 205 6.67 12.34 22.80
CA ALA B 205 7.91 12.26 23.56
C ALA B 205 9.07 12.78 22.71
N GLY B 206 9.74 13.81 23.23
CA GLY B 206 10.93 14.34 22.59
C GLY B 206 10.69 15.39 21.52
N GLY B 207 9.48 15.93 21.42
CA GLY B 207 9.16 16.94 20.44
C GLY B 207 8.95 18.30 21.07
N LYS B 208 8.87 19.32 20.20
CA LYS B 208 8.56 20.65 20.70
C LYS B 208 7.06 20.83 20.94
N LYS B 209 6.25 20.63 19.90
CA LYS B 209 4.82 20.88 19.99
C LYS B 209 4.07 19.89 19.11
N THR B 210 3.01 19.31 19.67
CA THR B 210 2.16 18.40 18.93
C THR B 210 0.82 19.06 18.62
N THR B 211 0.43 19.02 17.35
CA THR B 211 -0.93 19.40 16.96
C THR B 211 -1.72 18.14 16.64
N THR B 212 -3.04 18.28 16.71
CA THR B 212 -3.93 17.13 16.63
C THR B 212 -5.27 17.59 16.07
N VAL B 213 -6.02 16.63 15.53
CA VAL B 213 -7.44 16.78 15.31
C VAL B 213 -8.12 15.78 16.22
N GLU B 214 -9.14 16.23 16.94
CA GLU B 214 -9.87 15.38 17.88
C GLU B 214 -11.29 15.17 17.41
N ALA B 215 -11.80 13.98 17.67
CA ALA B 215 -13.20 13.67 17.43
C ALA B 215 -13.87 13.34 18.76
N PHE B 216 -15.18 13.19 18.71
CA PHE B 216 -16.02 12.96 19.88
C PHE B 216 -16.98 11.83 19.61
N ILE B 217 -17.13 10.94 20.59
CA ILE B 217 -18.09 9.84 20.51
C ILE B 217 -19.18 10.11 21.53
N PRO B 218 -20.34 10.59 21.06
CA PRO B 218 -21.46 10.87 21.97
C PRO B 218 -21.91 9.66 22.78
N GLU B 219 -21.98 8.48 22.18
CA GLU B 219 -22.62 7.37 22.88
C GLU B 219 -21.86 6.97 24.14
N ASN B 220 -20.55 7.24 24.23
CA ASN B 220 -19.87 7.05 25.50
C ASN B 220 -19.22 8.33 26.00
N GLY B 221 -19.43 9.44 25.30
CA GLY B 221 -18.95 10.73 25.76
C GLY B 221 -17.46 10.90 25.69
N ARG B 222 -16.75 10.07 24.94
CA ARG B 222 -15.30 10.10 24.99
CA ARG B 222 -15.29 10.05 24.97
C ARG B 222 -14.73 10.83 23.79
N GLY B 223 -13.70 11.64 24.04
CA GLY B 223 -12.93 12.18 22.95
C GLY B 223 -11.94 11.15 22.45
N ILE B 224 -11.50 11.30 21.20
CA ILE B 224 -10.58 10.35 20.59
C ILE B 224 -9.69 11.10 19.63
N GLN B 225 -8.39 10.82 19.70
CA GLN B 225 -7.42 11.48 18.85
C GLN B 225 -7.52 10.91 17.45
N ALA B 226 -7.76 11.78 16.46
CA ALA B 226 -8.05 11.35 15.10
C ALA B 226 -6.80 11.24 14.24
N ALA B 227 -5.83 12.14 14.45
CA ALA B 227 -4.55 12.12 13.75
C ALA B 227 -3.67 13.13 14.48
N THR B 228 -2.39 13.11 14.15
CA THR B 228 -1.47 13.90 14.94
C THR B 228 -0.32 14.37 14.04
N SER B 229 0.14 15.60 14.27
CA SER B 229 1.18 16.20 13.43
C SER B 229 2.12 16.99 14.32
N HIS B 230 3.36 16.50 14.43
CA HIS B 230 4.31 16.98 15.45
C HIS B 230 5.35 17.92 14.85
N LEU B 231 5.59 19.03 15.54
CA LEU B 231 6.79 19.83 15.35
C LEU B 231 7.83 19.24 16.29
N LEU B 232 8.72 18.41 15.74
CA LEU B 232 9.78 17.84 16.57
C LEU B 232 10.84 18.87 16.91
N GLY B 233 11.00 19.89 16.08
CA GLY B 233 12.00 20.88 16.42
C GLY B 233 13.38 20.31 16.13
N THR B 234 14.37 20.58 16.99
CA THR B 234 15.74 20.13 16.77
C THR B 234 16.20 19.03 17.72
N ASN B 235 15.33 18.57 18.63
CA ASN B 235 15.76 17.57 19.60
C ASN B 235 16.22 16.29 18.91
N PHE B 236 15.46 15.80 17.94
CA PHE B 236 15.84 14.58 17.24
C PHE B 236 17.10 14.79 16.40
N ALA B 237 17.24 15.96 15.77
CA ALA B 237 18.47 16.27 15.05
C ALA B 237 19.70 16.22 15.96
N LYS B 238 19.60 16.82 17.14
CA LYS B 238 20.73 16.78 18.06
C LYS B 238 21.02 15.35 18.48
N MET B 239 19.98 14.56 18.73
CA MET B 239 20.18 13.20 19.22
C MET B 239 20.82 12.32 18.14
N PHE B 240 20.39 12.48 16.89
CA PHE B 240 20.88 11.66 15.79
C PHE B 240 21.95 12.37 14.94
N GLU B 241 22.39 13.55 15.36
CA GLU B 241 23.41 14.31 14.65
C GLU B 241 22.97 14.59 13.21
N ILE B 242 21.72 14.97 13.01
CA ILE B 242 21.28 15.38 11.68
C ILE B 242 21.62 16.86 11.55
N GLU B 243 22.74 17.14 10.91
CA GLU B 243 23.22 18.50 10.77
C GLU B 243 23.47 18.80 9.31
N PHE B 244 23.47 20.07 9.00
CA PHE B 244 23.70 20.52 7.70
C PHE B 244 24.53 21.72 7.74
N GLU B 245 25.30 21.90 6.70
CA GLU B 245 26.13 23.03 6.65
C GLU B 245 25.41 24.12 6.00
N ASP B 246 25.51 25.27 6.61
CA ASP B 246 24.92 26.52 6.22
C ASP B 246 25.47 27.07 5.02
N GLU B 247 24.77 28.05 4.54
CA GLU B 247 25.25 28.84 3.45
C GLU B 247 26.51 29.70 3.85
N GLU B 248 26.65 30.07 5.11
CA GLU B 248 27.78 30.79 5.59
C GLU B 248 28.83 29.85 6.10
N GLY B 249 28.58 28.56 6.05
CA GLY B 249 29.54 27.57 6.45
C GLY B 249 29.43 26.98 7.81
N HIS B 250 28.37 27.27 8.51
CA HIS B 250 28.20 26.73 9.83
C HIS B 250 27.29 25.52 9.96
N LYS B 251 27.64 24.63 10.83
CA LYS B 251 26.86 23.48 11.06
C LYS B 251 25.60 23.85 11.84
N ARG B 252 24.44 23.49 11.32
CA ARG B 252 23.15 23.81 11.92
C ARG B 252 22.34 22.54 12.04
N LEU B 253 21.50 22.46 13.07
CA LEU B 253 20.60 21.32 13.23
C LEU B 253 19.37 21.50 12.36
N VAL B 254 18.85 20.39 11.80
CA VAL B 254 17.61 20.47 11.04
C VAL B 254 16.44 20.61 12.00
N HIS B 255 15.34 21.12 11.47
CA HIS B 255 14.08 21.20 12.21
C HIS B 255 13.13 20.16 11.61
N GLN B 256 12.64 19.25 12.43
CA GLN B 256 11.93 18.09 11.92
C GLN B 256 10.46 18.08 12.33
N THR B 257 9.69 17.34 11.51
CA THR B 257 8.30 16.99 11.75
C THR B 257 8.09 15.49 11.52
N SER B 258 7.07 14.97 12.17
CA SER B 258 6.50 13.69 11.79
C SER B 258 5.00 13.73 12.06
N TRP B 259 4.25 12.88 11.35
CA TRP B 259 2.80 12.96 11.35
C TRP B 259 2.24 11.63 10.88
N GLY B 260 1.19 11.17 11.55
CA GLY B 260 0.66 9.84 11.27
C GLY B 260 -0.85 9.81 11.36
N CYS B 261 -1.43 8.89 10.58
CA CYS B 261 -2.85 8.67 10.78
C CYS B 261 -3.14 7.22 10.39
N THR B 262 -4.04 6.58 11.13
CA THR B 262 -4.20 5.13 11.11
C THR B 262 -5.61 4.68 10.72
N THR B 263 -5.80 3.35 10.69
CA THR B 263 -7.11 2.76 10.45
C THR B 263 -8.09 3.04 11.59
N ARG B 264 -7.63 3.66 12.68
CA ARG B 264 -8.57 4.17 13.66
C ARG B 264 -9.60 5.10 13.01
N SER B 265 -9.23 5.77 11.92
CA SER B 265 -10.20 6.61 11.22
C SER B 265 -11.44 5.83 10.87
N LEU B 266 -11.27 4.59 10.41
CA LEU B 266 -12.42 3.78 10.04
C LEU B 266 -13.32 3.56 11.26
N GLY B 267 -12.72 3.25 12.40
CA GLY B 267 -13.50 3.08 13.61
C GLY B 267 -14.29 4.34 13.93
N VAL B 268 -13.66 5.50 13.80
CA VAL B 268 -14.34 6.74 14.13
C VAL B 268 -15.52 6.91 13.20
N MET B 269 -15.30 6.64 11.92
CA MET B 269 -16.38 6.77 10.95
C MET B 269 -17.53 5.85 11.35
N ILE B 270 -17.19 4.61 11.71
CA ILE B 270 -18.23 3.63 12.04
C ILE B 270 -19.06 4.15 13.19
N MET B 271 -18.38 4.66 14.21
CA MET B 271 -19.09 5.07 15.41
C MET B 271 -19.88 6.33 15.16
N THR B 272 -19.41 7.17 14.23
CA THR B 272 -20.07 8.46 14.09
C THR B 272 -21.41 8.31 13.37
N HIS B 273 -21.45 7.51 12.31
CA HIS B 273 -22.60 7.50 11.44
C HIS B 273 -23.55 6.33 11.68
N GLY B 274 -23.13 5.32 12.44
CA GLY B 274 -23.96 4.14 12.58
C GLY B 274 -25.25 4.42 13.32
N ASP B 275 -26.25 3.59 13.04
CA ASP B 275 -27.50 3.67 13.80
C ASP B 275 -27.91 2.27 14.27
N ASP B 276 -29.16 2.13 14.74
CA ASP B 276 -29.59 0.86 15.33
C ASP B 276 -29.65 -0.27 14.32
N LYS B 277 -29.82 0.03 13.04
CA LYS B 277 -29.78 -1.01 12.01
C LYS B 277 -28.35 -1.39 11.59
N GLY B 278 -27.33 -0.68 12.03
CA GLY B 278 -25.98 -1.05 11.63
C GLY B 278 -25.18 0.15 11.13
N LEU B 279 -24.21 -0.11 10.25
CA LEU B 279 -23.37 0.93 9.70
C LEU B 279 -24.13 1.84 8.74
N VAL B 280 -23.63 3.07 8.61
CA VAL B 280 -23.94 3.96 7.50
C VAL B 280 -22.60 4.42 6.93
N ILE B 281 -22.34 4.14 5.66
CA ILE B 281 -21.06 4.45 5.05
C ILE B 281 -21.23 5.69 4.18
N PRO B 282 -20.43 6.75 4.39
CA PRO B 282 -20.50 7.91 3.50
C PRO B 282 -20.27 7.51 2.06
N PRO B 283 -21.08 8.03 1.13
CA PRO B 283 -20.94 7.64 -0.28
C PRO B 283 -19.56 7.88 -0.86
N ARG B 284 -18.83 8.88 -0.38
CA ARG B 284 -17.51 9.17 -0.95
C ARG B 284 -16.50 8.05 -0.72
N VAL B 285 -16.68 7.23 0.31
CA VAL B 285 -15.74 6.14 0.58
C VAL B 285 -16.35 4.75 0.47
N ALA B 286 -17.66 4.63 0.26
CA ALA B 286 -18.31 3.31 0.28
C ALA B 286 -17.83 2.41 -0.87
N SER B 287 -17.51 1.15 -0.56
CA SER B 287 -17.06 0.22 -1.59
C SER B 287 -18.14 -0.01 -2.64
N VAL B 288 -19.40 -0.04 -2.21
CA VAL B 288 -20.54 -0.01 -3.11
C VAL B 288 -21.38 1.19 -2.70
N GLN B 289 -21.74 2.00 -3.67
CA GLN B 289 -22.62 3.13 -3.41
C GLN B 289 -24.09 2.80 -3.64
N VAL B 290 -24.39 1.94 -4.59
CA VAL B 290 -25.77 1.57 -4.93
C VAL B 290 -25.81 0.05 -5.07
N VAL B 291 -26.58 -0.60 -4.21
CA VAL B 291 -26.87 -2.02 -4.39
C VAL B 291 -28.20 -2.15 -5.11
N ILE B 292 -28.20 -2.90 -6.20
CA ILE B 292 -29.41 -3.21 -6.96
C ILE B 292 -29.93 -4.56 -6.50
N ILE B 293 -31.16 -4.57 -6.03
CA ILE B 293 -31.76 -5.75 -5.45
C ILE B 293 -32.96 -6.14 -6.30
N PRO B 294 -32.83 -7.16 -7.13
CA PRO B 294 -34.00 -7.64 -7.88
C PRO B 294 -34.98 -8.26 -6.91
N ILE B 295 -36.24 -7.84 -7.01
CA ILE B 295 -37.28 -8.42 -6.17
C ILE B 295 -37.67 -9.74 -6.83
N LEU B 296 -36.95 -10.78 -6.50
CA LEU B 296 -37.16 -12.06 -7.05
C LEU B 296 -37.17 -13.05 -5.95
N PHE B 297 -38.03 -14.02 -6.07
CA PHE B 297 -38.09 -15.07 -5.10
C PHE B 297 -37.42 -16.31 -5.66
N LYS B 298 -37.64 -17.45 -5.06
CA LYS B 298 -36.86 -18.63 -5.45
C LYS B 298 -36.78 -19.11 -6.87
N ASP B 299 -37.86 -19.17 -7.62
CA ASP B 299 -37.72 -19.66 -8.99
C ASP B 299 -38.09 -18.68 -10.04
N GLU B 300 -37.99 -17.43 -9.68
CA GLU B 300 -38.44 -16.38 -10.51
C GLU B 300 -37.53 -15.86 -11.59
N ASN B 301 -36.37 -16.47 -11.76
CA ASN B 301 -35.43 -15.97 -12.75
C ASN B 301 -35.66 -16.26 -14.21
N THR B 302 -36.14 -15.32 -14.98
CA THR B 302 -36.43 -15.55 -16.36
C THR B 302 -35.58 -14.66 -17.20
N GLY B 303 -34.78 -13.85 -16.56
CA GLY B 303 -33.93 -12.90 -17.24
C GLY B 303 -34.52 -11.51 -17.41
N GLU B 304 -35.85 -11.37 -17.29
CA GLU B 304 -36.47 -10.05 -17.44
C GLU B 304 -35.95 -9.07 -16.38
N ILE B 305 -35.97 -9.46 -15.12
CA ILE B 305 -35.60 -8.53 -14.07
C ILE B 305 -34.10 -8.32 -14.07
N LEU B 306 -33.34 -9.41 -14.14
CA LEU B 306 -31.88 -9.31 -14.14
C LEU B 306 -31.35 -8.56 -15.36
N GLY B 307 -32.00 -8.71 -16.51
CA GLY B 307 -31.58 -7.95 -17.69
C GLY B 307 -31.64 -6.45 -17.46
N LYS B 308 -32.81 -5.95 -17.05
CA LYS B 308 -32.91 -4.52 -16.73
C LYS B 308 -31.93 -4.15 -15.62
N CYS B 309 -31.70 -5.04 -14.65
CA CYS B 309 -30.73 -4.77 -13.60
C CYS B 309 -29.34 -4.56 -14.18
N ARG B 310 -28.96 -5.33 -15.16
CA ARG B 310 -27.71 -5.17 -15.80
C ARG B 310 -27.62 -3.91 -16.56
N GLU B 311 -28.62 -3.61 -17.35
CA GLU B 311 -28.67 -2.34 -18.06
C GLU B 311 -28.49 -1.18 -17.10
N LEU B 312 -29.17 -1.24 -15.95
CA LEU B 312 -29.13 -0.12 -15.02
C LEU B 312 -27.74 0.01 -14.43
N LYS B 313 -27.08 -1.12 -14.18
CA LYS B 313 -25.71 -1.10 -13.66
C LYS B 313 -24.79 -0.41 -14.66
N THR B 314 -24.86 -0.79 -15.92
CA THR B 314 -24.02 -0.17 -16.94
C THR B 314 -24.27 1.33 -17.02
N MET B 315 -25.55 1.73 -17.05
CA MET B 315 -25.85 3.16 -17.07
C MET B 315 -25.23 3.88 -15.88
N LEU B 316 -25.40 3.33 -14.68
CA LEU B 316 -24.95 4.04 -13.48
C LEU B 316 -23.43 4.10 -13.44
N GLU B 317 -22.77 3.04 -13.92
CA GLU B 317 -21.32 3.04 -13.97
C GLU B 317 -20.79 4.05 -14.98
N LYS B 318 -21.57 4.36 -16.03
CA LYS B 318 -21.16 5.44 -16.93
C LYS B 318 -20.95 6.74 -16.16
N ALA B 319 -21.70 6.95 -15.09
CA ALA B 319 -21.58 8.13 -14.25
C ALA B 319 -20.65 7.92 -13.06
N ASP B 320 -19.76 6.94 -13.13
CA ASP B 320 -18.76 6.67 -12.08
C ASP B 320 -19.38 6.29 -10.73
N ILE B 321 -20.58 5.70 -10.74
CA ILE B 321 -21.20 5.21 -9.52
C ILE B 321 -20.80 3.76 -9.32
N ARG B 322 -20.48 3.40 -8.08
CA ARG B 322 -20.06 2.05 -7.76
C ARG B 322 -21.29 1.22 -7.43
N VAL B 323 -21.50 0.15 -8.19
CA VAL B 323 -22.75 -0.60 -8.18
C VAL B 323 -22.46 -2.09 -8.03
N ARG B 324 -23.24 -2.76 -7.19
CA ARG B 324 -23.31 -4.21 -7.17
C ARG B 324 -24.76 -4.67 -7.30
N ILE B 325 -24.98 -5.74 -8.07
CA ILE B 325 -26.28 -6.40 -8.14
C ILE B 325 -26.22 -7.63 -7.25
N ASP B 326 -27.08 -7.68 -6.24
CA ASP B 326 -27.15 -8.86 -5.37
C ASP B 326 -28.15 -9.84 -5.99
N ASP B 327 -27.66 -10.69 -6.89
CA ASP B 327 -28.52 -11.64 -7.58
C ASP B 327 -28.40 -13.06 -7.01
N ARG B 328 -28.09 -13.18 -5.72
CA ARG B 328 -27.87 -14.48 -5.11
C ARG B 328 -29.20 -15.23 -4.94
N SER B 329 -29.19 -16.52 -5.29
CA SER B 329 -30.40 -17.24 -5.67
C SER B 329 -31.38 -17.41 -4.52
N ASN B 330 -30.87 -17.69 -3.33
CA ASN B 330 -31.65 -18.32 -2.27
C ASN B 330 -32.38 -17.33 -1.36
N TYR B 331 -31.82 -16.15 -1.15
CA TYR B 331 -32.29 -15.22 -0.15
C TYR B 331 -33.51 -14.43 -0.64
N THR B 332 -34.41 -14.12 0.28
CA THR B 332 -35.56 -13.31 -0.06
C THR B 332 -35.16 -11.83 -0.21
N PRO B 333 -36.02 -11.03 -0.85
CA PRO B 333 -35.72 -9.59 -0.93
C PRO B 333 -35.58 -8.94 0.42
N GLY B 334 -36.40 -9.33 1.41
CA GLY B 334 -36.24 -8.75 2.74
C GLY B 334 -34.90 -9.10 3.36
N TRP B 335 -34.43 -10.33 3.13
CA TRP B 335 -33.12 -10.72 3.63
C TRP B 335 -32.04 -9.80 3.06
N LYS B 336 -32.10 -9.55 1.76
CA LYS B 336 -31.11 -8.70 1.11
C LYS B 336 -31.21 -7.26 1.60
N TYR B 337 -32.44 -6.74 1.77
CA TYR B 337 -32.57 -5.39 2.31
C TYR B 337 -31.84 -5.28 3.64
N ASN B 338 -32.08 -6.22 4.56
CA ASN B 338 -31.47 -6.14 5.89
CA ASN B 338 -31.46 -6.11 5.88
C ASN B 338 -29.95 -6.33 5.80
N HIS B 339 -29.50 -7.30 5.00
CA HIS B 339 -28.07 -7.53 4.78
C HIS B 339 -27.35 -6.25 4.37
N TRP B 340 -27.89 -5.56 3.35
CA TRP B 340 -27.17 -4.39 2.84
C TRP B 340 -27.36 -3.15 3.71
N GLU B 341 -28.46 -3.05 4.47
CA GLU B 341 -28.57 -1.99 5.47
C GLU B 341 -27.54 -2.17 6.58
N VAL B 342 -27.35 -3.40 7.06
CA VAL B 342 -26.31 -3.65 8.06
C VAL B 342 -24.94 -3.28 7.51
N LYS B 343 -24.68 -3.61 6.24
CA LYS B 343 -23.40 -3.20 5.68
C LYS B 343 -23.30 -1.68 5.53
N GLY B 344 -24.44 -0.99 5.44
CA GLY B 344 -24.44 0.46 5.36
C GLY B 344 -24.25 1.05 3.98
N VAL B 345 -24.57 0.31 2.92
CA VAL B 345 -24.49 0.91 1.58
C VAL B 345 -25.44 2.10 1.52
N PRO B 346 -25.04 3.24 0.95
CA PRO B 346 -25.87 4.45 1.12
C PRO B 346 -27.19 4.41 0.36
N LEU B 347 -27.25 3.75 -0.78
CA LEU B 347 -28.48 3.73 -1.55
C LEU B 347 -28.80 2.31 -1.96
N ARG B 348 -30.09 1.97 -1.92
CA ARG B 348 -30.58 0.70 -2.41
C ARG B 348 -31.56 0.98 -3.54
N LEU B 349 -31.44 0.22 -4.61
CA LEU B 349 -32.29 0.35 -5.79
C LEU B 349 -33.06 -0.97 -5.95
N GLU B 350 -34.37 -0.91 -5.78
CA GLU B 350 -35.25 -2.06 -5.83
C GLU B 350 -35.92 -2.10 -7.19
N LEU B 351 -35.83 -3.26 -7.83
CA LEU B 351 -36.39 -3.50 -9.16
C LEU B 351 -37.17 -4.80 -9.11
N GLY B 352 -38.50 -4.70 -9.13
CA GLY B 352 -39.36 -5.86 -9.20
C GLY B 352 -40.33 -5.74 -10.35
N PRO B 353 -41.27 -6.68 -10.43
CA PRO B 353 -42.20 -6.70 -11.58
C PRO B 353 -43.00 -5.42 -11.81
N LYS B 354 -43.64 -4.80 -10.81
CA LYS B 354 -44.35 -3.56 -11.10
C LYS B 354 -43.37 -2.51 -11.55
N ASP B 355 -42.19 -2.47 -10.93
CA ASP B 355 -41.18 -1.50 -11.34
C ASP B 355 -40.92 -1.64 -12.83
N LEU B 356 -40.67 -2.88 -13.26
CA LEU B 356 -40.47 -3.20 -14.65
C LEU B 356 -41.67 -2.76 -15.51
N ALA B 357 -42.89 -2.95 -15.01
CA ALA B 357 -44.08 -2.59 -15.78
C ALA B 357 -44.37 -1.10 -15.78
N LYS B 358 -43.77 -0.33 -14.89
CA LYS B 358 -43.97 1.11 -14.82
C LYS B 358 -42.78 1.90 -15.35
N GLY B 359 -41.64 1.24 -15.56
CA GLY B 359 -40.44 1.90 -16.07
C GLY B 359 -39.69 2.69 -15.01
N THR B 360 -39.92 2.41 -13.74
CA THR B 360 -39.33 3.12 -12.62
C THR B 360 -38.56 2.14 -11.75
N ALA B 361 -37.88 2.70 -10.76
CA ALA B 361 -37.20 1.93 -9.73
C ALA B 361 -37.41 2.63 -8.41
N ARG B 362 -37.41 1.85 -7.32
CA ARG B 362 -37.57 2.44 -6.00
C ARG B 362 -36.20 2.55 -5.34
N VAL B 363 -35.81 3.76 -4.94
CA VAL B 363 -34.51 3.98 -4.32
C VAL B 363 -34.75 4.38 -2.87
N VAL B 364 -34.08 3.70 -1.96
CA VAL B 364 -34.15 4.01 -0.53
C VAL B 364 -32.76 4.44 -0.07
N ARG B 365 -32.69 5.60 0.58
CA ARG B 365 -31.42 6.07 1.11
C ARG B 365 -31.25 5.60 2.55
N ARG B 366 -30.03 5.17 2.87
CA ARG B 366 -29.81 4.40 4.08
C ARG B 366 -29.88 5.27 5.33
N ASP B 367 -29.47 6.54 5.23
CA ASP B 367 -29.34 7.38 6.43
C ASP B 367 -30.71 7.79 7.00
N THR B 368 -31.69 8.09 6.13
CA THR B 368 -33.01 8.49 6.62
C THR B 368 -34.12 7.49 6.33
N GLY B 369 -33.90 6.53 5.44
CA GLY B 369 -34.97 5.62 5.07
C GLY B 369 -35.97 6.18 4.06
N GLU B 370 -35.77 7.43 3.62
CA GLU B 370 -36.67 8.01 2.64
C GLU B 370 -36.59 7.28 1.31
N ALA B 371 -37.75 7.04 0.71
CA ALA B 371 -37.88 6.30 -0.54
C ALA B 371 -38.31 7.22 -1.69
N TYR B 372 -37.75 6.97 -2.86
CA TYR B 372 -38.02 7.73 -4.07
C TYR B 372 -38.40 6.79 -5.21
N GLN B 373 -39.46 7.12 -5.94
CA GLN B 373 -39.76 6.46 -7.20
C GLN B 373 -39.10 7.25 -8.32
N ILE B 374 -38.15 6.65 -9.03
CA ILE B 374 -37.37 7.38 -10.02
C ILE B 374 -37.49 6.67 -11.37
N SER B 375 -37.83 7.44 -12.41
CA SER B 375 -37.80 6.93 -13.78
C SER B 375 -36.38 6.50 -14.15
N TRP B 376 -36.28 5.49 -15.02
CA TRP B 376 -34.98 4.92 -15.37
C TRP B 376 -34.08 5.96 -16.02
N ALA B 377 -34.65 6.91 -16.77
CA ALA B 377 -33.84 7.95 -17.38
C ALA B 377 -33.16 8.81 -16.34
N ASP B 378 -33.88 9.13 -15.26
CA ASP B 378 -33.42 10.07 -14.24
C ASP B 378 -32.52 9.45 -13.18
N LEU B 379 -32.14 8.18 -13.31
CA LEU B 379 -31.48 7.50 -12.19
C LEU B 379 -30.10 8.07 -11.93
N ALA B 380 -29.23 8.08 -12.95
CA ALA B 380 -27.85 8.51 -12.72
C ALA B 380 -27.77 9.93 -12.16
N PRO B 381 -28.45 10.95 -12.72
CA PRO B 381 -28.44 12.27 -12.08
C PRO B 381 -28.99 12.26 -10.65
N LYS B 382 -30.22 11.75 -10.46
CA LYS B 382 -30.84 11.80 -9.14
C LYS B 382 -29.99 11.11 -8.08
N LEU B 383 -29.41 9.95 -8.43
CA LEU B 383 -28.53 9.25 -7.49
C LEU B 383 -27.32 10.11 -7.12
N LEU B 384 -26.67 10.72 -8.12
CA LEU B 384 -25.55 11.62 -7.82
C LEU B 384 -26.01 12.68 -6.84
N GLU B 385 -27.17 13.29 -7.12
CA GLU B 385 -27.72 14.27 -6.21
C GLU B 385 -27.89 13.67 -4.82
N LEU B 386 -28.54 12.50 -4.74
CA LEU B 386 -28.81 11.93 -3.43
C LEU B 386 -27.51 11.66 -2.69
N MET B 387 -26.49 11.19 -3.42
CA MET B 387 -25.25 10.87 -2.73
C MET B 387 -24.65 12.11 -2.12
N GLU B 388 -24.63 13.22 -2.88
CA GLU B 388 -24.11 14.45 -2.29
C GLU B 388 -24.93 14.84 -1.06
N GLY B 389 -26.27 14.75 -1.17
CA GLY B 389 -27.12 15.03 -0.03
C GLY B 389 -26.76 14.16 1.16
N ILE B 390 -26.64 12.85 0.93
CA ILE B 390 -26.34 11.97 2.06
C ILE B 390 -25.02 12.38 2.69
N GLN B 391 -24.02 12.64 1.85
CA GLN B 391 -22.69 12.91 2.38
C GLN B 391 -22.71 14.20 3.19
N ARG B 392 -23.48 15.20 2.74
CA ARG B 392 -23.50 16.46 3.46
C ARG B 392 -24.29 16.30 4.74
N SER B 393 -25.39 15.54 4.67
CA SER B 393 -26.29 15.38 5.80
C SER B 393 -25.59 14.64 6.94
N LEU B 394 -24.87 13.58 6.59
CA LEU B 394 -24.09 12.84 7.58
C LEU B 394 -23.12 13.76 8.30
N PHE B 395 -22.48 14.67 7.56
CA PHE B 395 -21.54 15.56 8.20
C PHE B 395 -22.26 16.56 9.10
N GLU B 396 -23.35 17.15 8.60
CA GLU B 396 -23.99 18.23 9.34
C GLU B 396 -24.60 17.71 10.64
N LYS B 397 -25.30 16.59 10.56
CA LYS B 397 -25.83 15.96 11.76
C LYS B 397 -24.72 15.63 12.74
N ALA B 398 -23.60 15.08 12.24
CA ALA B 398 -22.51 14.77 13.16
C ALA B 398 -21.94 16.04 13.76
N LYS B 399 -21.82 17.09 12.94
CA LYS B 399 -21.26 18.32 13.47
C LYS B 399 -22.16 18.88 14.55
N ALA B 400 -23.49 18.75 14.35
CA ALA B 400 -24.41 19.25 15.36
C ALA B 400 -24.23 18.48 16.65
N ARG B 401 -24.09 17.14 16.54
CA ARG B 401 -23.90 16.36 17.75
C ARG B 401 -22.62 16.78 18.45
N LEU B 402 -21.56 17.07 17.68
CA LEU B 402 -20.30 17.49 18.30
C LEU B 402 -20.54 18.75 19.12
N HIS B 403 -21.25 19.71 18.53
CA HIS B 403 -21.50 20.96 19.21
C HIS B 403 -22.33 20.72 20.47
N GLU B 404 -23.33 19.84 20.39
CA GLU B 404 -24.16 19.62 21.56
C GLU B 404 -23.42 18.83 22.64
N GLY B 405 -22.23 18.30 22.33
CA GLY B 405 -21.49 17.52 23.30
C GLY B 405 -20.48 18.27 24.13
N ILE B 406 -20.35 19.59 23.95
CA ILE B 406 -19.30 20.39 24.58
C ILE B 406 -19.96 21.50 25.41
N GLU B 407 -19.67 21.50 26.71
CA GLU B 407 -20.16 22.54 27.62
C GLU B 407 -19.01 23.46 27.98
N LYS B 408 -19.19 24.75 27.76
CA LYS B 408 -18.19 25.74 28.13
C LYS B 408 -18.43 26.14 29.59
N ILE B 409 -17.45 25.87 30.45
CA ILE B 409 -17.59 26.10 31.89
C ILE B 409 -16.61 27.15 32.37
N SER B 410 -16.63 27.42 33.68
CA SER B 410 -15.79 28.44 34.31
C SER B 410 -15.07 27.91 35.55
N THR B 411 -15.70 26.97 36.26
CA THR B 411 -15.21 26.54 37.56
C THR B 411 -15.30 25.02 37.66
N PHE B 412 -14.60 24.46 38.65
CA PHE B 412 -14.43 23.02 38.71
C PHE B 412 -15.71 22.32 39.12
N ASP B 413 -16.57 23.00 39.88
CA ASP B 413 -17.82 22.37 40.29
C ASP B 413 -18.69 21.99 39.10
N GLU B 414 -18.42 22.54 37.92
CA GLU B 414 -19.16 22.20 36.71
C GLU B 414 -18.64 20.95 36.01
N VAL B 415 -17.51 20.40 36.45
CA VAL B 415 -16.85 19.34 35.68
C VAL B 415 -17.63 18.04 35.76
N MET B 416 -17.73 17.47 36.97
CA MET B 416 -18.39 16.18 37.13
C MET B 416 -19.80 16.15 36.57
N PRO B 417 -20.66 17.14 36.79
CA PRO B 417 -21.97 17.13 36.09
C PRO B 417 -21.83 16.97 34.58
N ALA B 418 -20.97 17.76 33.95
CA ALA B 418 -20.78 17.68 32.50
C ALA B 418 -20.32 16.28 32.09
N LEU B 419 -19.40 15.69 32.85
CA LEU B 419 -18.93 14.37 32.51
C LEU B 419 -20.03 13.33 32.65
N ASN B 420 -21.00 13.56 33.55
CA ASN B 420 -22.08 12.61 33.72
C ASN B 420 -23.14 12.73 32.65
N ARG B 421 -23.26 13.91 32.03
CA ARG B 421 -24.05 14.03 30.81
C ARG B 421 -23.34 13.49 29.59
N LYS B 422 -22.20 12.82 29.78
CA LYS B 422 -21.37 12.27 28.69
C LYS B 422 -20.94 13.37 27.73
N HIS B 423 -20.45 14.48 28.29
CA HIS B 423 -20.03 15.64 27.54
C HIS B 423 -18.56 15.92 27.81
N LEU B 424 -17.96 16.72 26.93
CA LEU B 424 -16.65 17.33 27.15
C LEU B 424 -16.85 18.73 27.73
N VAL B 425 -15.77 19.30 28.29
CA VAL B 425 -15.83 20.67 28.78
C VAL B 425 -14.74 21.50 28.11
N LEU B 426 -15.09 22.75 27.80
CA LEU B 426 -14.15 23.76 27.33
C LEU B 426 -13.97 24.77 28.45
N ALA B 427 -12.77 24.87 28.99
CA ALA B 427 -12.57 25.59 30.24
C ALA B 427 -11.29 26.41 30.18
N PRO B 428 -11.25 27.56 30.85
CA PRO B 428 -10.02 28.34 30.87
C PRO B 428 -8.99 27.68 31.76
N TRP B 429 -7.77 27.58 31.26
CA TRP B 429 -6.72 26.82 31.92
C TRP B 429 -5.40 27.57 31.88
N CYS B 430 -4.64 27.45 32.99
CA CYS B 430 -3.31 28.02 33.17
C CYS B 430 -2.21 27.17 32.54
N GLU B 431 -2.53 25.98 32.02
CA GLU B 431 -1.61 25.15 31.27
C GLU B 431 -0.38 24.77 32.09
N ASP B 432 -0.55 24.60 33.39
CA ASP B 432 0.50 24.06 34.24
C ASP B 432 0.40 22.53 34.25
N PRO B 433 1.46 21.79 33.91
CA PRO B 433 1.29 20.35 33.68
C PRO B 433 0.90 19.56 34.93
N GLU B 434 1.49 19.91 36.08
CA GLU B 434 1.12 19.22 37.31
C GLU B 434 -0.37 19.36 37.58
N SER B 435 -0.97 20.50 37.21
CA SER B 435 -2.40 20.67 37.37
C SER B 435 -3.17 19.67 36.51
N GLU B 436 -2.69 19.37 35.29
CA GLU B 436 -3.37 18.34 34.51
C GLU B 436 -3.30 17.00 35.21
N GLU B 437 -2.13 16.64 35.74
CA GLU B 437 -2.04 15.37 36.46
C GLU B 437 -3.01 15.34 37.65
N GLN B 438 -3.09 16.45 38.38
CA GLN B 438 -3.95 16.51 39.54
C GLN B 438 -5.42 16.42 39.15
N ILE B 439 -5.79 17.03 38.02
CA ILE B 439 -7.18 16.97 37.57
C ILE B 439 -7.52 15.55 37.16
N LYS B 440 -6.60 14.88 36.46
CA LYS B 440 -6.77 13.46 36.16
C LYS B 440 -7.04 12.66 37.42
N LYS B 441 -6.16 12.79 38.41
CA LYS B 441 -6.30 12.01 39.64
C LYS B 441 -7.60 12.33 40.38
N GLU B 442 -7.96 13.61 40.46
CA GLU B 442 -9.14 13.99 41.23
C GLU B 442 -10.43 13.58 40.52
N THR B 443 -10.49 13.70 39.19
CA THR B 443 -11.68 13.23 38.49
C THR B 443 -11.77 11.71 38.55
N GLN B 444 -10.64 11.01 38.53
CA GLN B 444 -10.67 9.57 38.73
C GLN B 444 -11.23 9.21 40.10
N LYS B 445 -10.82 9.95 41.11
CA LYS B 445 -11.25 9.72 42.48
C LYS B 445 -12.71 9.93 42.58
N LEU B 446 -13.18 11.05 42.08
CA LEU B 446 -14.59 11.33 42.13
C LEU B 446 -15.43 10.33 41.40
N SER B 447 -14.95 9.85 40.27
CA SER B 447 -15.66 8.85 39.56
C SER B 447 -15.72 7.56 40.32
N GLU B 448 -14.64 7.12 40.95
CA GLU B 448 -14.76 5.87 41.70
C GLU B 448 -15.68 5.99 42.85
N ILE B 449 -15.66 7.12 43.54
CA ILE B 449 -16.61 7.30 44.61
C ILE B 449 -18.05 7.35 44.15
N GLN B 450 -18.31 7.80 42.92
CA GLN B 450 -19.60 7.80 42.29
C GLN B 450 -20.12 6.39 42.15
N ALA B 451 -19.26 5.44 41.87
CA ALA B 451 -19.65 4.05 41.79
C ALA B 451 -20.24 3.55 43.08
N THR B 462 -13.33 3.50 32.99
CA THR B 462 -12.24 4.39 33.39
C THR B 462 -12.72 5.84 33.44
N GLY B 463 -12.58 6.48 34.60
CA GLY B 463 -13.24 7.74 34.85
C GLY B 463 -12.42 9.00 34.77
N ALA B 464 -11.10 8.88 34.64
CA ALA B 464 -10.25 10.06 34.61
C ALA B 464 -10.55 10.93 33.39
N MET B 465 -10.58 12.24 33.63
CA MET B 465 -10.73 13.25 32.59
C MET B 465 -9.36 13.87 32.32
N LYS B 466 -9.03 14.06 31.04
CA LYS B 466 -7.74 14.64 30.67
C LYS B 466 -7.94 15.65 29.55
N THR B 467 -6.87 16.38 29.21
CA THR B 467 -6.95 17.30 28.09
C THR B 467 -7.03 16.54 26.78
N LEU B 468 -7.87 17.01 25.87
CA LEU B 468 -7.89 16.54 24.50
C LEU B 468 -7.03 17.42 23.61
N CYS B 469 -7.27 18.73 23.61
CA CYS B 469 -6.38 19.68 22.95
C CYS B 469 -6.68 21.08 23.47
N ILE B 470 -5.82 22.00 23.11
CA ILE B 470 -6.08 23.43 23.26
C ILE B 470 -6.47 23.91 21.87
N PRO B 471 -7.75 24.16 21.59
CA PRO B 471 -8.18 24.37 20.20
C PRO B 471 -7.52 25.58 19.57
N PHE B 472 -7.23 25.48 18.27
CA PHE B 472 -6.79 26.66 17.53
C PHE B 472 -7.83 27.78 17.61
N ASP B 473 -9.10 27.44 17.55
CA ASP B 473 -10.15 28.46 17.63
C ASP B 473 -10.36 28.78 19.10
N GLN B 474 -9.82 29.92 19.53
CA GLN B 474 -9.92 30.33 20.92
C GLN B 474 -11.01 31.36 21.07
N PRO B 475 -12.09 31.10 21.81
CA PRO B 475 -13.00 32.17 22.19
C PRO B 475 -12.28 33.22 23.00
N PRO B 476 -12.87 34.41 23.14
CA PRO B 476 -12.19 35.48 23.90
C PRO B 476 -11.93 35.06 25.34
N MET B 477 -10.82 35.57 25.89
CA MET B 477 -10.43 35.33 27.28
C MET B 477 -10.52 36.65 28.04
N PRO B 478 -11.64 36.97 28.68
CA PRO B 478 -11.76 38.24 29.41
C PRO B 478 -10.60 38.42 30.39
N GLU B 479 -10.18 39.68 30.53
CA GLU B 479 -9.04 40.05 31.38
C GLU B 479 -9.18 39.45 32.77
N GLY B 480 -8.15 38.71 33.19
CA GLY B 480 -8.13 38.22 34.56
C GLY B 480 -8.96 37.01 34.82
N THR B 481 -9.42 36.31 33.77
CA THR B 481 -10.14 35.05 33.94
C THR B 481 -9.28 34.04 34.69
N LYS B 482 -9.92 33.31 35.60
CA LYS B 482 -9.22 32.38 36.48
C LYS B 482 -9.26 30.98 35.88
N CYS B 483 -8.13 30.27 36.03
CA CYS B 483 -8.06 28.86 35.68
C CYS B 483 -9.10 28.08 36.47
N PHE B 484 -9.87 27.22 35.77
CA PHE B 484 -11.03 26.58 36.36
C PHE B 484 -10.69 25.64 37.50
N TYR B 485 -9.42 25.27 37.65
CA TYR B 485 -8.98 24.36 38.71
C TYR B 485 -8.06 25.03 39.72
N THR B 486 -7.04 25.76 39.27
CA THR B 486 -6.01 26.26 40.18
C THR B 486 -6.28 27.66 40.72
N GLY B 487 -7.14 28.43 40.07
CA GLY B 487 -7.33 29.81 40.43
C GLY B 487 -6.25 30.75 39.93
N LYS B 488 -5.13 30.24 39.41
CA LYS B 488 -4.10 31.08 38.82
C LYS B 488 -4.67 31.73 37.56
N PRO B 489 -3.96 32.71 36.99
CA PRO B 489 -4.44 33.29 35.73
C PRO B 489 -4.58 32.25 34.63
N ALA B 490 -5.75 32.24 33.98
CA ALA B 490 -5.97 31.34 32.86
C ALA B 490 -5.23 31.85 31.63
N LYS B 491 -4.72 30.93 30.82
CA LYS B 491 -4.06 31.31 29.58
C LYS B 491 -4.91 31.01 28.36
N ARG B 492 -5.39 29.78 28.22
CA ARG B 492 -6.18 29.50 27.03
C ARG B 492 -7.34 28.59 27.37
N TRP B 493 -8.35 28.61 26.52
CA TRP B 493 -9.45 27.65 26.61
C TRP B 493 -8.94 26.28 26.20
N THR B 494 -9.27 25.27 26.99
CA THR B 494 -8.74 23.93 26.79
C THR B 494 -9.91 22.95 26.81
N LEU B 495 -9.84 21.95 25.94
CA LEU B 495 -10.89 20.96 25.79
C LEU B 495 -10.51 19.72 26.60
N TRP B 496 -11.34 19.35 27.55
CA TRP B 496 -11.13 18.19 28.40
C TRP B 496 -12.28 17.22 28.24
N GLY B 497 -12.01 15.96 28.58
CA GLY B 497 -13.07 14.97 28.68
C GLY B 497 -12.47 13.63 29.02
N ARG B 498 -13.36 12.66 29.23
CA ARG B 498 -12.88 11.30 29.22
C ARG B 498 -12.45 10.94 27.81
N SER B 499 -11.61 9.91 27.69
CA SER B 499 -10.91 9.75 26.43
C SER B 499 -10.67 8.28 26.13
N TYR B 500 -10.41 8.01 24.85
CA TYR B 500 -9.90 6.72 24.42
C TYR B 500 -8.40 6.68 24.64
O1 1UI C . 14.07 -16.03 -1.08
C24 1UI C . 6.72 -14.46 -5.39
O2 1UI C . 9.93 -13.07 -6.12
C23 1UI C . 7.82 -15.48 -5.33
C22 1UI C . 8.72 -15.18 -7.63
N2 1UI C . 13.47 -12.71 -2.19
C12 1UI C . 14.02 -14.81 -1.06
C5 1UI C . 18.89 -17.88 -1.06
C2 1UI C . 20.90 -18.50 -2.19
C1 1UI C . 19.59 -18.79 -1.82
C 1UI C . 17.91 -19.90 -3.11
N1 1UI C . 14.58 -14.08 -0.09
N 1UI C . 21.50 -17.36 -1.85
C3 1UI C . 20.81 -16.48 -1.11
C4 1UI C . 19.50 -16.68 -0.67
C6 1UI C . 18.78 -15.68 0.16
C7 1UI C . 19.50 -14.78 0.96
C8 1UI C . 18.79 -13.91 1.75
C25 1UI C . 7.59 -14.56 -4.17
C26 1UI C . 9.98 -14.22 -5.74
C27 1UI C . 17.39 -15.64 0.20
C9 1UI C . 17.43 -13.86 1.80
C10 1UI C . 16.70 -14.74 1.01
C11 1UI C . 15.19 -14.73 1.05
C13 1UI C . 13.29 -14.04 -2.14
C14 1UI C . 12.45 -14.73 -2.99
C15 1UI C . 11.73 -14.02 -3.93
C16 1UI C . 11.90 -12.63 -4.00
C17 1UI C . 12.78 -12.02 -3.12
C18 1UI C . 13.06 -10.54 -3.17
O 1UI C . 18.99 -19.97 -2.19
C19 1UI C . 10.80 -16.20 -4.74
C20 1UI C . 9.99 -16.61 -5.96
C21 1UI C . 9.10 -15.36 -6.23
F 1UI C . 19.49 -13.04 2.53
N3 1UI C . 10.85 -14.73 -4.82
N4 1UI C . 8.47 -15.01 -8.72
N PRO D . 2.10 -17.48 -2.06
CA PRO D . 2.72 -17.91 -3.32
C PRO D . 4.25 -17.93 -3.24
O PRO D . 4.85 -17.57 -2.22
CB PRO D . 2.25 -16.86 -4.33
CG PRO D . 2.02 -15.67 -3.53
CD PRO D . 1.48 -16.16 -2.19
OXT PRO D . 4.92 -18.32 -4.22
C1 EDO E . 25.30 -8.72 -8.24
O1 EDO E . 26.44 -9.57 -8.06
C2 EDO E . 24.13 -9.56 -8.75
O2 EDO E . 23.81 -10.59 -7.80
C1 EDO F . 12.46 -20.31 -24.57
O1 EDO F . 13.31 -20.25 -25.72
C2 EDO F . 11.02 -20.50 -25.05
O2 EDO F . 10.95 -21.69 -25.84
C1 EDO G . 9.14 -12.95 -25.22
O1 EDO G . 10.44 -13.24 -24.70
C2 EDO G . 9.22 -11.59 -25.90
O2 EDO G . 8.13 -11.43 -26.82
C1 EDO H . 2.79 7.65 -21.55
O1 EDO H . 4.22 7.70 -21.54
C2 EDO H . 2.26 9.07 -21.51
O2 EDO H . 2.99 9.77 -20.50
C1 EDO I . -3.56 -28.11 -15.48
O1 EDO I . -3.33 -28.09 -16.89
C2 EDO I . -4.92 -27.47 -15.23
O2 EDO I . -5.90 -28.47 -14.94
O1 1UI J . -1.75 1.89 20.83
C24 1UI J . -0.54 8.19 15.07
O2 1UI J . -3.95 6.34 15.69
C23 1UI J . -0.96 7.77 16.45
C22 1UI J . -3.15 9.01 16.34
N2 1UI J . -3.86 1.58 17.97
C12 1UI J . -2.41 1.36 19.94
C5 1UI J . -4.56 1.25 24.97
C2 1UI J . -6.23 1.63 26.62
C1 1UI J . -5.12 2.07 25.93
C 1UI J . -4.44 4.22 25.11
N1 1UI J . -2.63 0.05 19.87
N 1UI J . -6.80 0.43 26.39
C3 1UI J . -6.24 -0.35 25.45
C4 1UI J . -5.12 0.00 24.71
C6 1UI J . -4.50 -0.94 23.74
C7 1UI J . -4.75 -2.31 23.84
C8 1UI J . -4.11 -3.15 22.95
C25 1UI J . -0.48 6.75 15.46
C26 1UI J . -3.22 6.55 16.64
C27 1UI J . -3.63 -0.48 22.74
C9 1UI J . -3.25 -2.73 21.98
C10 1UI J . -3.00 -1.36 21.87
C11 1UI J . -2.03 -0.86 20.84
C13 1UI J . -3.04 2.19 18.84
C14 1UI J . -2.72 3.53 18.76
C15 1UI J . -3.27 4.29 17.74
C16 1UI J . -4.12 3.67 16.83
C17 1UI J . -4.40 2.31 16.97
C18 1UI J . -5.33 1.59 16.05
O 1UI J . -4.62 3.32 26.21
C19 1UI J . -2.32 6.35 18.81
C20 1UI J . -2.45 7.83 18.48
C21 1UI J . -2.45 7.85 16.93
F 1UI J . -4.36 -4.48 23.05
N3 1UI J . -2.97 5.68 17.67
N4 1UI J . -3.67 9.93 15.93
N PRO K . 5.51 8.67 14.49
CA PRO K . 4.68 9.69 15.15
C PRO K . 3.64 9.06 16.07
O PRO K . 2.70 9.72 16.52
CB PRO K . 4.02 10.39 13.98
CG PRO K . 3.82 9.29 13.01
CD PRO K . 5.09 8.48 13.10
OXT PRO K . 3.72 7.87 16.39
C1 EDO L . -16.71 20.82 12.90
O1 EDO L . -15.85 20.85 11.77
C2 EDO L . -15.97 21.32 14.14
O2 EDO L . -15.64 22.69 13.91
C1 EDO M . 5.47 28.45 16.38
O1 EDO M . 6.72 27.94 15.90
C2 EDO M . 4.75 27.26 16.99
O2 EDO M . 5.70 26.60 17.82
C1 EDO N . 0.83 0.62 -0.03
O1 EDO N . 1.14 -0.53 -0.82
C2 EDO N . -0.37 0.25 0.83
O2 EDO N . -1.40 -0.25 -0.03
C1 EDO O . -3.48 26.56 19.96
O1 EDO O . -2.47 26.90 19.00
C2 EDO O . -4.43 27.74 20.20
O2 EDO O . -3.70 28.89 20.66
C1 EDO P . -3.08 27.98 13.79
O1 EDO P . -2.28 29.07 13.29
C2 EDO P . -2.41 27.37 15.02
O2 EDO P . -2.44 28.28 16.12
C1 EDO Q . -8.77 4.47 -4.76
O1 EDO Q . -9.51 5.33 -5.63
C2 EDO Q . -9.70 3.42 -4.16
O2 EDO Q . -9.83 2.36 -5.11
C1 EDO R . -14.09 11.70 -2.43
O1 EDO R . -13.25 10.54 -2.34
C2 EDO R . -13.59 12.77 -1.47
O2 EDO R . -12.27 13.18 -1.85
CL CL S . -16.17 0.69 21.51
#